data_4QN6
#
_entry.id   4QN6
#
_cell.length_a   137.919
_cell.length_b   137.919
_cell.length_c   148.797
_cell.angle_alpha   90.00
_cell.angle_beta   90.00
_cell.angle_gamma   90.00
#
_symmetry.space_group_name_H-M   'P 4 21 2'
#
loop_
_entity.id
_entity.type
_entity.pdbx_description
1 polymer Neuraminidase
2 branched beta-D-mannopyranose-(1-4)-2-acetamido-2-deoxy-beta-D-glucopyranose-(1-4)-2-acetamido-2-deoxy-beta-D-glucopyranose
3 branched alpha-D-mannopyranose-(1-3)-[alpha-D-mannopyranose-(1-6)]alpha-D-mannopyranose-(1-6)-beta-D-mannopyranose-(1-4)-2-acetamido-2-deoxy-beta-D-glucopyranose-(1-4)-2-acetamido-2-deoxy-beta-D-glucopyranose
4 non-polymer 'CALCIUM ION'
5 non-polymer '5-acetamido-2,6-anhydro-4-carbamimidamido-3,4,5-trideoxy-7-O-methyl-D-glycero-D-galacto-non-2-enonic acid'
6 water water
#
_entity_poly.entity_id   1
_entity_poly.type   'polypeptide(L)'
_entity_poly.pdbx_seq_one_letter_code
;EFGTFLNLTKPLCEVSSWHILSKDNAIRIGEDAHILVTREPYLSCDPQGCRMFALSQGTTLRGRHANGTIHDRSPFRALI
SWEMGQAPSPYNVRVECIGWSSTSCHDGISRMSICMSGPNNNASAVVWYGGRPVTEIPSWAGNILRTQESECVCHKGICP
VVMTDGPANNRAATKIIYFKEGKIQKIEELAGNAQHIEECSCYGAVGVIKCVCRDNWKGANRPVITIDPEMMTHTSKYLC
SKILTDTSRPNDPTNGNCDAPITGGSPDPGVKGFAFLDGENSWLGRTISKDSRSGYEMLKVPNAETDTQSGPISHQVIVN
NQNWSGYSGAFIDYWANKECFNPCFYVELIRGRPKESSVLWTSNSIVALCGSKERLGSWSWHDGAEIIYFK
;
_entity_poly.pdbx_strand_id   A,B
#
# COMPACT_ATOMS: atom_id res chain seq x y z
N GLY A 3 -4.14 4.20 -53.38
CA GLY A 3 -3.23 5.01 -52.60
C GLY A 3 -1.85 5.13 -53.23
N THR A 4 -1.11 6.14 -52.82
CA THR A 4 0.27 6.32 -53.24
C THR A 4 1.10 6.58 -51.99
N PHE A 5 2.39 6.24 -52.02
CA PHE A 5 3.25 6.45 -50.86
C PHE A 5 3.27 7.92 -50.44
N LEU A 6 3.18 8.17 -49.14
CA LEU A 6 3.35 9.49 -48.59
C LEU A 6 4.80 9.96 -48.78
N ASN A 7 4.98 11.15 -49.36
CA ASN A 7 6.29 11.81 -49.38
C ASN A 7 6.24 13.04 -48.49
N LEU A 8 7.26 13.20 -47.64
CA LEU A 8 7.33 14.36 -46.75
C LEU A 8 7.81 15.62 -47.48
N THR A 9 6.97 16.13 -48.38
CA THR A 9 7.34 17.22 -49.27
C THR A 9 7.08 18.60 -48.65
N LYS A 10 6.24 18.65 -47.63
CA LYS A 10 5.75 19.93 -47.12
C LYS A 10 6.52 20.41 -45.90
N PRO A 11 6.57 21.73 -45.69
CA PRO A 11 7.19 22.27 -44.48
C PRO A 11 6.23 22.12 -43.30
N LEU A 12 6.73 22.34 -42.09
CA LEU A 12 5.89 22.32 -40.90
C LEU A 12 5.11 23.62 -40.81
N CYS A 13 3.82 23.54 -40.48
CA CYS A 13 3.03 24.74 -40.28
C CYS A 13 3.59 25.58 -39.14
N GLU A 14 3.45 26.89 -39.26
CA GLU A 14 3.75 27.81 -38.16
C GLU A 14 2.67 27.64 -37.09
N VAL A 15 3.07 27.65 -35.82
CA VAL A 15 2.11 27.46 -34.73
C VAL A 15 2.21 28.58 -33.68
N SER A 16 1.07 29.23 -33.40
CA SER A 16 0.99 30.27 -32.38
C SER A 16 0.27 29.80 -31.13
N SER A 17 -0.65 28.84 -31.30
CA SER A 17 -1.38 28.29 -30.17
C SER A 17 -1.92 26.93 -30.59
N TRP A 18 -2.61 26.26 -29.68
CA TRP A 18 -3.06 24.89 -29.95
C TRP A 18 -4.58 24.80 -29.80
N HIS A 19 -5.23 24.19 -30.80
CA HIS A 19 -6.69 24.05 -30.76
C HIS A 19 -7.05 22.60 -30.46
N ILE A 20 -8.22 22.42 -29.86
CA ILE A 20 -8.66 21.09 -29.46
C ILE A 20 -9.00 20.26 -30.70
N LEU A 21 -8.48 19.04 -30.74
CA LEU A 21 -8.77 18.13 -31.84
C LEU A 21 -9.74 17.04 -31.41
N SER A 22 -9.41 16.37 -30.31
CA SER A 22 -10.27 15.28 -29.84
C SER A 22 -10.07 15.06 -28.35
N LYS A 23 -11.04 14.40 -27.72
CA LYS A 23 -10.98 14.05 -26.30
C LYS A 23 -11.97 12.92 -26.12
N ASP A 24 -11.53 11.79 -25.55
CA ASP A 24 -12.45 10.65 -25.49
C ASP A 24 -13.20 10.49 -24.17
N ASN A 25 -12.76 11.18 -23.12
CA ASN A 25 -13.42 11.10 -21.81
C ASN A 25 -13.61 9.66 -21.33
N ALA A 26 -12.61 8.82 -21.59
CA ALA A 26 -12.77 7.38 -21.44
C ALA A 26 -13.03 6.94 -19.99
N ILE A 27 -12.41 7.62 -19.03
CA ILE A 27 -12.58 7.21 -17.63
C ILE A 27 -13.96 7.64 -17.10
N ARG A 28 -14.38 8.85 -17.45
CA ARG A 28 -15.74 9.30 -17.12
C ARG A 28 -16.77 8.33 -17.66
N ILE A 29 -16.67 8.01 -18.94
CA ILE A 29 -17.64 7.12 -19.57
C ILE A 29 -17.53 5.70 -19.00
N GLY A 30 -16.28 5.24 -18.85
CA GLY A 30 -16.00 3.89 -18.39
C GLY A 30 -16.41 3.60 -16.96
N GLU A 31 -16.77 4.64 -16.22
CA GLU A 31 -17.30 4.46 -14.87
C GLU A 31 -18.58 3.63 -14.93
N ASP A 32 -19.30 3.70 -16.06
CA ASP A 32 -20.58 2.99 -16.19
C ASP A 32 -20.80 2.34 -17.56
N ALA A 33 -19.83 2.45 -18.47
CA ALA A 33 -19.98 1.77 -19.75
C ALA A 33 -18.88 0.74 -19.85
N HIS A 34 -18.94 -0.11 -20.87
CA HIS A 34 -17.93 -1.14 -21.03
C HIS A 34 -16.72 -0.59 -21.78
N ILE A 35 -15.78 -0.05 -21.03
CA ILE A 35 -14.61 0.61 -21.61
C ILE A 35 -13.34 -0.14 -21.21
N LEU A 36 -12.47 -0.41 -22.19
CA LEU A 36 -11.26 -1.19 -21.92
C LEU A 36 -10.26 -0.39 -21.10
N VAL A 37 -9.58 -1.07 -20.18
CA VAL A 37 -8.43 -0.48 -19.50
C VAL A 37 -7.30 -0.36 -20.52
N THR A 38 -6.65 0.79 -20.56
CA THR A 38 -5.56 1.02 -21.50
C THR A 38 -4.42 1.76 -20.81
N ARG A 39 -3.32 1.92 -21.53
CA ARG A 39 -2.33 2.96 -21.25
C ARG A 39 -1.49 3.07 -22.50
N GLU A 40 -0.52 3.98 -22.48
CA GLU A 40 0.34 4.22 -23.64
C GLU A 40 -0.44 4.50 -24.93
N PRO A 41 -1.33 5.50 -24.91
CA PRO A 41 -2.14 5.77 -26.10
C PRO A 41 -1.39 6.67 -27.09
N TYR A 42 -1.94 6.76 -28.29
CA TYR A 42 -1.49 7.76 -29.25
C TYR A 42 -2.51 7.92 -30.35
N LEU A 43 -2.21 8.79 -31.31
CA LEU A 43 -3.08 8.89 -32.48
C LEU A 43 -2.21 8.71 -33.72
N SER A 44 -2.83 8.21 -34.79
CA SER A 44 -2.13 8.06 -36.05
C SER A 44 -3.13 8.21 -37.18
N CYS A 45 -2.73 8.89 -38.25
CA CYS A 45 -3.65 9.19 -39.33
C CYS A 45 -3.38 8.38 -40.59
N ASP A 46 -4.32 8.42 -41.51
CA ASP A 46 -4.15 7.79 -42.80
C ASP A 46 -4.92 8.64 -43.82
N PRO A 47 -4.93 8.25 -45.11
CA PRO A 47 -5.63 9.14 -46.05
C PRO A 47 -7.11 9.35 -45.71
N GLN A 48 -7.72 8.41 -44.99
CA GLN A 48 -9.15 8.51 -44.66
C GLN A 48 -9.46 9.37 -43.43
N GLY A 49 -8.50 9.47 -42.51
CA GLY A 49 -8.73 10.22 -41.28
C GLY A 49 -7.78 9.76 -40.19
N CYS A 50 -8.04 10.19 -38.96
CA CYS A 50 -7.19 9.84 -37.84
C CYS A 50 -7.91 8.88 -36.90
N ARG A 51 -7.13 8.05 -36.21
CA ARG A 51 -7.67 7.08 -35.26
C ARG A 51 -6.88 7.13 -33.96
N MET A 52 -7.51 6.69 -32.87
CA MET A 52 -6.84 6.58 -31.58
C MET A 52 -6.28 5.17 -31.44
N PHE A 53 -5.14 5.05 -30.74
CA PHE A 53 -4.47 3.79 -30.53
C PHE A 53 -4.11 3.73 -29.05
N ALA A 54 -4.02 2.52 -28.51
CA ALA A 54 -3.49 2.34 -27.14
C ALA A 54 -3.20 0.89 -26.89
N LEU A 55 -2.55 0.63 -25.76
CA LEU A 55 -2.32 -0.74 -25.34
C LEU A 55 -3.41 -1.14 -24.36
N SER A 56 -4.28 -2.03 -24.81
CA SER A 56 -5.34 -2.55 -23.95
C SER A 56 -4.73 -3.40 -22.84
N GLN A 57 -5.44 -3.55 -21.73
CA GLN A 57 -5.03 -4.51 -20.69
C GLN A 57 -5.90 -5.76 -20.68
N GLY A 58 -6.82 -5.88 -21.65
CA GLY A 58 -7.60 -7.09 -21.78
C GLY A 58 -8.65 -7.28 -20.68
N THR A 59 -9.25 -6.16 -20.27
CA THR A 59 -10.29 -6.13 -19.24
C THR A 59 -10.99 -4.79 -19.34
N THR A 60 -12.22 -4.70 -18.85
CA THR A 60 -12.87 -3.40 -18.78
C THR A 60 -12.45 -2.71 -17.50
N LEU A 61 -12.71 -1.40 -17.43
CA LEU A 61 -12.29 -0.55 -16.31
C LEU A 61 -13.02 -0.91 -15.02
N ARG A 62 -14.32 -1.17 -15.11
CA ARG A 62 -15.12 -1.57 -13.95
C ARG A 62 -14.99 -3.06 -13.66
N GLY A 63 -14.34 -3.80 -14.54
CA GLY A 63 -14.22 -5.24 -14.35
C GLY A 63 -13.27 -5.57 -13.23
N ARG A 64 -13.47 -6.73 -12.59
CA ARG A 64 -12.60 -7.17 -11.51
C ARG A 64 -11.16 -7.36 -11.98
N HIS A 65 -10.97 -7.66 -13.27
CA HIS A 65 -9.61 -7.87 -13.77
C HIS A 65 -8.83 -6.58 -13.97
N ALA A 66 -9.47 -5.44 -13.72
CA ALA A 66 -8.76 -4.17 -13.75
C ALA A 66 -7.80 -4.08 -12.57
N ASN A 67 -8.04 -4.91 -11.56
CA ASN A 67 -7.17 -5.01 -10.40
C ASN A 67 -5.79 -5.50 -10.85
N GLY A 68 -4.77 -4.67 -10.65
CA GLY A 68 -3.41 -5.05 -11.00
C GLY A 68 -2.89 -4.44 -12.29
N THR A 69 -3.70 -3.60 -12.94
CA THR A 69 -3.34 -3.06 -14.25
C THR A 69 -2.27 -1.96 -14.23
N ILE A 70 -1.69 -1.68 -13.06
CA ILE A 70 -0.46 -0.88 -13.06
C ILE A 70 0.65 -1.66 -13.78
N HIS A 71 0.52 -2.98 -13.79
CA HIS A 71 1.53 -3.88 -14.36
C HIS A 71 1.72 -3.57 -15.86
N ASP A 72 2.97 -3.45 -16.29
CA ASP A 72 3.27 -3.00 -17.64
C ASP A 72 3.11 -4.07 -18.72
N ARG A 73 3.45 -5.31 -18.41
CA ARG A 73 3.59 -6.33 -19.45
C ARG A 73 2.91 -7.64 -19.07
N SER A 74 2.00 -8.10 -19.89
CA SER A 74 1.27 -9.33 -19.63
C SER A 74 0.84 -9.91 -20.97
N PRO A 75 0.45 -11.20 -20.99
CA PRO A 75 -0.06 -11.79 -22.22
C PRO A 75 -1.46 -11.30 -22.59
N PHE A 76 -2.02 -10.37 -21.81
CA PHE A 76 -3.40 -9.95 -22.05
C PHE A 76 -3.49 -8.56 -22.69
N ARG A 77 -2.32 -8.00 -23.02
CA ARG A 77 -2.27 -6.68 -23.66
C ARG A 77 -2.24 -6.80 -25.19
N ALA A 78 -2.74 -5.76 -25.85
CA ALA A 78 -2.77 -5.73 -27.30
C ALA A 78 -2.80 -4.28 -27.75
N LEU A 79 -2.24 -4.01 -28.92
CA LEU A 79 -2.44 -2.70 -29.54
C LEU A 79 -3.82 -2.66 -30.16
N ILE A 80 -4.65 -1.73 -29.71
CA ILE A 80 -5.98 -1.57 -30.28
C ILE A 80 -6.09 -0.20 -30.92
N SER A 81 -6.94 -0.08 -31.93
CA SER A 81 -7.20 1.23 -32.51
C SER A 81 -8.70 1.40 -32.64
N TRP A 82 -9.15 2.65 -32.63
CA TRP A 82 -10.58 2.91 -32.71
C TRP A 82 -10.83 4.30 -33.28
N GLU A 83 -12.09 4.55 -33.64
CA GLU A 83 -12.46 5.83 -34.25
C GLU A 83 -12.17 7.00 -33.31
N MET A 84 -11.48 8.01 -33.83
CA MET A 84 -11.05 9.15 -33.02
C MET A 84 -12.22 9.80 -32.29
N GLY A 85 -12.08 10.01 -30.98
CA GLY A 85 -13.12 10.65 -30.20
C GLY A 85 -13.97 9.68 -29.39
N GLN A 86 -14.17 8.48 -29.92
CA GLN A 86 -14.88 7.45 -29.15
C GLN A 86 -13.96 6.99 -28.04
N ALA A 87 -14.54 6.40 -27.00
CA ALA A 87 -13.76 5.73 -25.96
C ALA A 87 -13.57 4.28 -26.38
N PRO A 88 -12.47 3.65 -25.93
CA PRO A 88 -12.23 2.28 -26.40
C PRO A 88 -13.06 1.25 -25.66
N SER A 89 -13.88 0.51 -26.40
CA SER A 89 -14.71 -0.54 -25.81
C SER A 89 -14.39 -1.88 -26.48
N PRO A 90 -14.78 -2.99 -25.86
CA PRO A 90 -14.53 -4.28 -26.53
C PRO A 90 -15.40 -4.41 -27.78
N TYR A 91 -16.36 -3.52 -27.95
CA TYR A 91 -17.26 -3.58 -29.10
C TYR A 91 -16.80 -2.77 -30.30
N ASN A 92 -15.92 -1.78 -30.08
CA ASN A 92 -15.55 -0.85 -31.17
C ASN A 92 -14.06 -0.82 -31.54
N VAL A 93 -13.25 -1.67 -30.93
CA VAL A 93 -11.81 -1.60 -31.22
C VAL A 93 -11.36 -2.59 -32.29
N ARG A 94 -10.34 -2.17 -33.03
CA ARG A 94 -9.66 -3.07 -33.96
C ARG A 94 -8.38 -3.52 -33.28
N VAL A 95 -8.13 -4.82 -33.23
CA VAL A 95 -6.90 -5.31 -32.64
C VAL A 95 -5.81 -5.31 -33.72
N GLU A 96 -4.81 -4.45 -33.53
CA GLU A 96 -3.78 -4.27 -34.54
C GLU A 96 -2.71 -5.36 -34.46
N CYS A 97 -2.36 -5.72 -33.22
CA CYS A 97 -1.39 -6.78 -32.94
C CYS A 97 -1.40 -7.04 -31.44
N ILE A 98 -0.70 -8.09 -31.02
CA ILE A 98 -0.72 -8.51 -29.63
C ILE A 98 0.62 -8.22 -28.95
N GLY A 99 0.56 -7.53 -27.80
CA GLY A 99 1.78 -7.23 -27.07
C GLY A 99 1.68 -6.01 -26.17
N TRP A 100 2.83 -5.58 -25.65
CA TRP A 100 2.85 -4.61 -24.57
C TRP A 100 3.76 -3.40 -24.84
N SER A 101 4.17 -3.24 -26.10
CA SER A 101 4.90 -2.07 -26.57
C SER A 101 4.59 -2.00 -28.06
N SER A 102 4.33 -0.80 -28.59
CA SER A 102 3.91 -0.74 -29.98
C SER A 102 4.32 0.53 -30.72
N THR A 103 4.21 0.47 -32.04
CA THR A 103 4.20 1.67 -32.87
C THR A 103 3.33 1.34 -34.07
N SER A 104 2.88 2.37 -34.78
CA SER A 104 2.06 2.17 -35.96
C SER A 104 2.19 3.39 -36.84
N CYS A 105 2.13 3.19 -38.15
CA CYS A 105 2.06 4.32 -39.08
C CYS A 105 1.55 3.86 -40.44
N HIS A 106 0.94 4.79 -41.17
CA HIS A 106 0.42 4.51 -42.49
C HIS A 106 1.37 5.11 -43.53
N ASP A 107 1.74 4.32 -44.56
CA ASP A 107 2.72 4.81 -45.53
C ASP A 107 2.08 5.50 -46.74
N GLY A 108 0.76 5.66 -46.69
CA GLY A 108 0.01 6.23 -47.80
C GLY A 108 -0.78 5.15 -48.54
N ILE A 109 -0.33 3.91 -48.41
CA ILE A 109 -1.00 2.78 -49.04
C ILE A 109 -1.62 1.87 -47.98
N SER A 110 -0.82 1.41 -47.03
CA SER A 110 -1.34 0.56 -45.95
C SER A 110 -0.70 0.93 -44.63
N ARG A 111 -1.27 0.38 -43.55
CA ARG A 111 -0.78 0.66 -42.20
C ARG A 111 0.19 -0.43 -41.74
N MET A 112 1.33 -0.01 -41.21
CA MET A 112 2.24 -0.91 -40.54
C MET A 112 2.00 -0.77 -39.04
N SER A 113 1.85 -1.91 -38.36
CA SER A 113 1.75 -1.91 -36.90
C SER A 113 2.71 -2.93 -36.33
N ILE A 114 3.38 -2.55 -35.24
CA ILE A 114 4.37 -3.40 -34.61
C ILE A 114 4.08 -3.52 -33.12
N CYS A 115 4.10 -4.75 -32.60
CA CYS A 115 3.93 -5.00 -31.17
C CYS A 115 5.00 -5.94 -30.69
N MET A 116 5.57 -5.63 -29.53
CA MET A 116 6.46 -6.58 -28.84
C MET A 116 5.66 -7.35 -27.81
N SER A 117 5.96 -8.62 -27.66
CA SER A 117 5.37 -9.42 -26.58
C SER A 117 6.38 -10.44 -26.10
N GLY A 118 6.04 -11.18 -25.06
CA GLY A 118 6.93 -12.18 -24.53
C GLY A 118 7.53 -11.82 -23.19
N PRO A 119 8.34 -12.74 -22.63
CA PRO A 119 8.95 -12.56 -21.33
C PRO A 119 10.09 -11.55 -21.43
N ASN A 120 10.49 -10.95 -20.31
CA ASN A 120 11.53 -9.92 -20.35
C ASN A 120 12.80 -10.34 -21.07
N ASN A 121 13.18 -11.61 -20.91
CA ASN A 121 14.47 -12.07 -21.44
C ASN A 121 14.38 -12.68 -22.84
N ASN A 122 13.21 -12.60 -23.47
CA ASN A 122 12.99 -13.33 -24.72
C ASN A 122 11.82 -12.74 -25.50
N ALA A 123 11.71 -11.42 -25.48
CA ALA A 123 10.62 -10.73 -26.17
C ALA A 123 10.83 -10.78 -27.69
N SER A 124 9.80 -10.46 -28.45
CA SER A 124 9.92 -10.42 -29.90
C SER A 124 8.91 -9.44 -30.47
N ALA A 125 9.23 -8.84 -31.61
CA ALA A 125 8.34 -7.93 -32.28
C ALA A 125 7.68 -8.69 -33.42
N VAL A 126 6.38 -8.48 -33.62
CA VAL A 126 5.73 -8.94 -34.83
C VAL A 126 5.31 -7.69 -35.61
N VAL A 127 5.74 -7.63 -36.87
CA VAL A 127 5.47 -6.49 -37.73
C VAL A 127 4.32 -6.85 -38.66
N TRP A 128 3.25 -6.06 -38.59
CA TRP A 128 2.08 -6.26 -39.42
C TRP A 128 2.04 -5.20 -40.50
N TYR A 129 1.57 -5.58 -41.68
CA TYR A 129 1.40 -4.62 -42.78
C TYR A 129 0.13 -4.96 -43.53
N GLY A 130 -0.75 -3.99 -43.66
CA GLY A 130 -2.03 -4.22 -44.32
C GLY A 130 -2.88 -5.23 -43.58
N GLY A 131 -2.76 -5.27 -42.26
CA GLY A 131 -3.59 -6.14 -41.45
C GLY A 131 -3.13 -7.60 -41.41
N ARG A 132 -1.93 -7.86 -41.90
CA ARG A 132 -1.38 -9.22 -41.86
C ARG A 132 0.04 -9.20 -41.32
N PRO A 133 0.43 -10.24 -40.56
CA PRO A 133 1.81 -10.27 -40.04
C PRO A 133 2.80 -10.55 -41.18
N VAL A 134 3.88 -9.79 -41.25
CA VAL A 134 4.84 -9.97 -42.34
C VAL A 134 6.27 -10.25 -41.90
N THR A 135 6.66 -9.75 -40.73
CA THR A 135 8.04 -9.87 -40.27
C THR A 135 8.08 -10.13 -38.77
N GLU A 136 9.00 -10.98 -38.31
CA GLU A 136 9.20 -11.16 -36.86
C GLU A 136 10.65 -10.84 -36.46
N ILE A 137 10.82 -10.21 -35.31
CA ILE A 137 12.16 -9.81 -34.87
C ILE A 137 12.42 -10.23 -33.42
N PRO A 138 13.39 -11.16 -33.22
CA PRO A 138 13.68 -11.55 -31.83
C PRO A 138 14.49 -10.50 -31.08
N SER A 139 14.37 -10.53 -29.76
CA SER A 139 15.18 -9.67 -28.88
C SER A 139 16.66 -9.86 -29.17
N TRP A 140 17.40 -8.76 -29.24
CA TRP A 140 18.85 -8.85 -29.49
C TRP A 140 19.69 -8.74 -28.23
N ALA A 141 19.09 -8.25 -27.14
CA ALA A 141 19.83 -8.07 -25.89
C ALA A 141 19.20 -8.80 -24.71
N GLY A 142 18.09 -9.50 -24.95
CA GLY A 142 17.44 -10.26 -23.89
C GLY A 142 16.95 -9.43 -22.71
N ASN A 143 16.48 -8.22 -22.96
CA ASN A 143 16.03 -7.37 -21.87
C ASN A 143 14.96 -6.37 -22.30
N ILE A 144 13.73 -6.88 -22.43
CA ILE A 144 12.55 -6.07 -22.74
C ILE A 144 12.68 -5.26 -24.04
N LEU A 145 12.78 -5.97 -25.17
CA LEU A 145 12.71 -5.32 -26.48
C LEU A 145 11.46 -4.45 -26.52
N ARG A 146 11.61 -3.17 -26.89
CA ARG A 146 10.50 -2.24 -26.78
C ARG A 146 10.63 -1.10 -27.78
N THR A 147 9.56 -0.33 -27.99
CA THR A 147 9.58 0.67 -29.03
C THR A 147 8.86 1.98 -28.66
N GLN A 148 8.33 2.69 -29.65
CA GLN A 148 8.03 4.10 -29.50
C GLN A 148 6.83 4.47 -28.61
N GLU A 149 5.78 3.65 -28.67
CA GLU A 149 4.49 3.97 -28.03
C GLU A 149 3.82 5.21 -28.61
N SER A 150 4.22 5.59 -29.81
CA SER A 150 3.47 6.55 -30.63
C SER A 150 3.81 6.29 -32.10
N GLU A 151 3.23 7.08 -33.00
CA GLU A 151 3.32 6.73 -34.41
C GLU A 151 4.72 6.88 -34.99
N CYS A 152 5.01 6.01 -35.97
CA CYS A 152 6.20 6.18 -36.78
C CYS A 152 5.86 7.10 -37.95
N VAL A 153 6.83 7.37 -38.82
CA VAL A 153 6.62 8.29 -39.93
C VAL A 153 7.17 7.63 -41.19
N CYS A 154 6.47 7.79 -42.31
CA CYS A 154 6.91 7.17 -43.57
C CYS A 154 7.23 8.22 -44.65
N HIS A 155 8.18 7.87 -45.52
CA HIS A 155 8.57 8.76 -46.61
C HIS A 155 8.99 7.88 -47.79
N LYS A 156 8.29 8.03 -48.93
CA LYS A 156 8.55 7.22 -50.12
C LYS A 156 8.51 5.73 -49.80
N GLY A 157 7.61 5.34 -48.89
CA GLY A 157 7.46 3.94 -48.54
C GLY A 157 8.39 3.46 -47.45
N ILE A 158 9.30 4.32 -47.00
CA ILE A 158 10.26 3.94 -45.98
C ILE A 158 9.80 4.47 -44.62
N CYS A 159 9.62 3.55 -43.67
CA CYS A 159 9.14 3.90 -42.32
C CYS A 159 10.17 3.48 -41.28
N PRO A 160 10.95 4.45 -40.77
CA PRO A 160 11.92 4.12 -39.73
C PRO A 160 11.23 3.97 -38.37
N VAL A 161 11.71 3.02 -37.58
CA VAL A 161 11.20 2.77 -36.24
C VAL A 161 12.37 2.65 -35.28
N VAL A 162 12.30 3.36 -34.17
CA VAL A 162 13.34 3.29 -33.14
C VAL A 162 12.95 2.24 -32.10
N MET A 163 13.83 1.29 -31.85
CA MET A 163 13.57 0.21 -30.89
C MET A 163 14.74 0.10 -29.94
N THR A 164 14.46 -0.30 -28.70
CA THR A 164 15.52 -0.42 -27.70
C THR A 164 15.40 -1.77 -27.02
N ASP A 165 16.54 -2.38 -26.70
CA ASP A 165 16.57 -3.64 -25.99
C ASP A 165 17.72 -3.53 -24.98
N GLY A 166 17.45 -3.81 -23.71
CA GLY A 166 18.46 -3.65 -22.68
C GLY A 166 17.93 -2.91 -21.47
N PRO A 167 18.82 -2.60 -20.50
CA PRO A 167 18.46 -2.02 -19.20
C PRO A 167 17.68 -0.70 -19.30
N ALA A 168 16.81 -0.48 -18.33
CA ALA A 168 16.10 0.79 -18.19
C ALA A 168 16.96 1.80 -17.43
N ASN A 169 17.98 1.30 -16.75
CA ASN A 169 18.76 2.11 -15.83
C ASN A 169 20.27 2.03 -16.10
N ASN A 170 20.63 1.70 -17.33
CA ASN A 170 22.03 1.59 -17.72
C ASN A 170 22.03 1.65 -19.23
N ARG A 171 23.21 1.65 -19.83
CA ARG A 171 23.31 1.67 -21.28
C ARG A 171 22.55 0.50 -21.93
N ALA A 172 21.84 0.79 -23.01
CA ALA A 172 21.05 -0.23 -23.70
C ALA A 172 21.40 -0.27 -25.18
N ALA A 173 20.80 -1.20 -25.92
CA ALA A 173 21.09 -1.36 -27.34
C ALA A 173 19.91 -0.87 -28.18
N THR A 174 20.06 0.33 -28.72
CA THR A 174 19.00 0.95 -29.50
C THR A 174 19.32 0.79 -30.99
N LYS A 175 18.29 0.53 -31.80
CA LYS A 175 18.47 0.41 -33.24
C LYS A 175 17.40 1.21 -33.97
N ILE A 176 17.74 1.67 -35.17
CA ILE A 176 16.72 2.20 -36.07
C ILE A 176 16.55 1.17 -37.18
N ILE A 177 15.32 0.70 -37.36
CA ILE A 177 15.01 -0.27 -38.39
C ILE A 177 14.14 0.41 -39.44
N TYR A 178 14.59 0.35 -40.69
CA TYR A 178 13.92 1.00 -41.79
C TYR A 178 13.08 -0.02 -42.52
N PHE A 179 11.76 0.14 -42.44
CA PHE A 179 10.82 -0.82 -43.02
C PHE A 179 10.27 -0.32 -44.35
N LYS A 180 9.94 -1.26 -45.22
CA LYS A 180 9.13 -0.94 -46.39
C LYS A 180 8.16 -2.09 -46.56
N GLU A 181 6.87 -1.78 -46.52
CA GLU A 181 5.83 -2.80 -46.55
C GLU A 181 6.05 -3.83 -45.44
N GLY A 182 6.54 -3.35 -44.30
CA GLY A 182 6.77 -4.21 -43.15
C GLY A 182 8.02 -5.06 -43.26
N LYS A 183 8.79 -4.86 -44.33
CA LYS A 183 10.00 -5.65 -44.53
C LYS A 183 11.23 -4.81 -44.24
N ILE A 184 12.21 -5.41 -43.56
CA ILE A 184 13.41 -4.69 -43.18
C ILE A 184 14.27 -4.33 -44.39
N GLN A 185 14.55 -3.05 -44.57
CA GLN A 185 15.40 -2.58 -45.65
C GLN A 185 16.82 -2.37 -45.16
N LYS A 186 16.94 -1.94 -43.91
CA LYS A 186 18.24 -1.63 -43.31
C LYS A 186 18.06 -1.57 -41.80
N ILE A 187 19.13 -1.93 -41.09
CA ILE A 187 19.19 -1.79 -39.65
C ILE A 187 20.42 -0.97 -39.26
N GLU A 188 20.22 0.08 -38.47
CA GLU A 188 21.34 0.84 -37.95
C GLU A 188 21.40 0.72 -36.44
N GLU A 189 22.60 0.57 -35.91
CA GLU A 189 22.80 0.77 -34.48
C GLU A 189 22.75 2.26 -34.22
N LEU A 190 22.19 2.66 -33.08
CA LEU A 190 22.11 4.08 -32.76
C LEU A 190 23.50 4.69 -32.62
N ALA A 191 23.69 5.83 -33.28
CA ALA A 191 24.89 6.63 -33.13
C ALA A 191 24.54 7.88 -32.34
N GLY A 192 25.48 8.81 -32.24
CA GLY A 192 25.18 10.08 -31.62
C GLY A 192 25.52 10.14 -30.14
N ASN A 193 25.16 11.24 -29.50
CA ASN A 193 25.54 11.47 -28.11
C ASN A 193 24.46 11.17 -27.08
N ALA A 194 23.24 10.89 -27.53
CA ALA A 194 22.20 10.46 -26.61
C ALA A 194 22.67 9.18 -25.91
N GLN A 195 22.61 9.18 -24.58
CA GLN A 195 23.14 8.08 -23.80
C GLN A 195 22.18 6.92 -23.60
N HIS A 196 20.88 7.20 -23.75
CA HIS A 196 19.83 6.21 -23.54
C HIS A 196 18.60 6.70 -24.29
N ILE A 197 17.93 5.81 -25.00
CA ILE A 197 16.82 6.20 -25.86
C ILE A 197 15.63 5.27 -25.64
N GLU A 198 14.48 5.85 -25.29
CA GLU A 198 13.23 5.11 -25.18
C GLU A 198 12.09 5.94 -25.74
N GLU A 199 11.05 5.26 -26.21
CA GLU A 199 9.77 5.89 -26.45
C GLU A 199 9.81 7.16 -27.30
N CYS A 200 10.47 7.07 -28.46
CA CYS A 200 10.60 8.22 -29.34
C CYS A 200 9.26 8.71 -29.90
N SER A 201 9.06 10.03 -29.88
CA SER A 201 7.92 10.66 -30.54
C SER A 201 8.43 11.35 -31.80
N CYS A 202 7.91 10.94 -32.95
CA CYS A 202 8.48 11.36 -34.24
C CYS A 202 7.47 12.09 -35.12
N TYR A 203 7.98 13.00 -35.95
CA TYR A 203 7.17 13.66 -36.96
C TYR A 203 8.10 13.99 -38.13
N GLY A 204 7.53 14.32 -39.29
CA GLY A 204 8.36 14.58 -40.44
C GLY A 204 7.95 15.82 -41.22
N ALA A 205 8.91 16.41 -41.92
CA ALA A 205 8.61 17.52 -42.83
C ALA A 205 9.83 17.67 -43.74
N VAL A 206 9.60 18.18 -44.95
CA VAL A 206 10.65 18.35 -45.96
C VAL A 206 11.76 17.28 -45.96
N GLY A 207 11.35 16.01 -46.01
CA GLY A 207 12.29 14.91 -46.16
C GLY A 207 13.09 14.58 -44.91
N VAL A 208 12.75 15.19 -43.79
CA VAL A 208 13.45 14.96 -42.54
C VAL A 208 12.50 14.37 -41.51
N ILE A 209 12.95 13.36 -40.77
CA ILE A 209 12.15 12.83 -39.66
C ILE A 209 12.89 13.14 -38.36
N LYS A 210 12.18 13.76 -37.42
CA LYS A 210 12.76 14.09 -36.13
C LYS A 210 12.05 13.34 -35.02
N CYS A 211 12.83 12.73 -34.13
CA CYS A 211 12.27 11.99 -33.00
C CYS A 211 12.74 12.57 -31.67
N VAL A 212 11.80 12.81 -30.77
CA VAL A 212 12.13 13.35 -29.44
C VAL A 212 11.81 12.26 -28.43
N CYS A 213 12.80 11.90 -27.62
CA CYS A 213 12.73 10.64 -26.88
C CYS A 213 12.88 10.81 -25.38
N ARG A 214 13.04 9.67 -24.69
CA ARG A 214 13.17 9.63 -23.24
C ARG A 214 14.49 8.96 -22.88
N ASP A 215 15.33 9.68 -22.13
CA ASP A 215 16.55 9.10 -21.55
C ASP A 215 16.16 8.71 -20.13
N ASN A 216 16.10 7.41 -19.88
CA ASN A 216 15.63 6.90 -18.59
C ASN A 216 16.79 6.66 -17.64
N TRP A 217 18.00 6.84 -18.14
CA TRP A 217 19.21 6.47 -17.41
C TRP A 217 19.80 7.67 -16.68
N LYS A 218 20.00 8.77 -17.42
CA LYS A 218 20.72 9.91 -16.87
C LYS A 218 20.00 11.23 -17.03
N GLY A 219 19.64 11.56 -18.26
CA GLY A 219 19.21 12.91 -18.59
C GLY A 219 17.79 13.31 -18.24
N ALA A 220 17.66 14.55 -17.79
CA ALA A 220 16.37 15.20 -17.61
C ALA A 220 16.12 16.04 -18.86
N ASN A 221 17.16 16.19 -19.67
CA ASN A 221 16.96 16.71 -21.01
C ASN A 221 16.64 15.53 -21.95
N ARG A 222 15.90 15.82 -23.03
CA ARG A 222 15.42 14.76 -23.91
C ARG A 222 16.33 14.55 -25.11
N PRO A 223 16.64 13.28 -25.42
CA PRO A 223 17.39 12.98 -26.64
C PRO A 223 16.59 13.38 -27.87
N VAL A 224 17.30 13.79 -28.92
CA VAL A 224 16.66 14.08 -30.20
C VAL A 224 17.40 13.30 -31.27
N ILE A 225 16.66 12.51 -32.03
CA ILE A 225 17.23 11.76 -33.16
C ILE A 225 16.75 12.40 -34.45
N THR A 226 17.67 12.67 -35.36
CA THR A 226 17.31 13.26 -36.65
C THR A 226 17.59 12.24 -37.73
N ILE A 227 16.56 11.88 -38.50
CA ILE A 227 16.66 10.79 -39.46
C ILE A 227 16.48 11.27 -40.88
N ASP A 228 17.31 10.77 -41.78
CA ASP A 228 17.12 10.96 -43.22
C ASP A 228 16.57 9.64 -43.75
N PRO A 229 15.26 9.59 -44.05
CA PRO A 229 14.67 8.31 -44.47
C PRO A 229 15.05 7.91 -45.89
N GLU A 230 15.67 8.82 -46.65
CA GLU A 230 16.12 8.46 -48.00
C GLU A 230 17.50 7.79 -47.95
N MET A 231 18.45 8.41 -47.28
CA MET A 231 19.77 7.82 -47.12
C MET A 231 19.74 6.74 -46.05
N MET A 232 18.68 6.73 -45.23
CA MET A 232 18.56 5.81 -44.10
C MET A 232 19.74 5.94 -43.12
N THR A 233 19.97 7.18 -42.69
CA THR A 233 21.06 7.51 -41.78
C THR A 233 20.49 8.46 -40.73
N HIS A 234 21.21 8.66 -39.64
CA HIS A 234 20.69 9.50 -38.56
C HIS A 234 21.81 10.07 -37.71
N THR A 235 21.45 11.07 -36.89
CA THR A 235 22.32 11.58 -35.85
C THR A 235 21.48 11.66 -34.58
N SER A 236 22.13 11.78 -33.43
CA SER A 236 21.37 11.98 -32.19
C SER A 236 22.17 12.81 -31.19
N LYS A 237 21.44 13.53 -30.34
CA LYS A 237 22.05 14.31 -29.27
C LYS A 237 20.92 14.65 -28.31
N TYR A 238 21.14 15.68 -27.49
CA TYR A 238 20.09 16.14 -26.58
C TYR A 238 19.52 17.45 -27.07
N LEU A 239 18.26 17.69 -26.70
CA LEU A 239 17.62 18.98 -26.85
C LEU A 239 18.50 20.00 -26.10
N CYS A 240 18.94 21.04 -26.80
CA CYS A 240 19.93 22.00 -26.23
C CYS A 240 19.38 22.90 -25.15
N SER A 241 18.10 23.25 -25.26
CA SER A 241 17.50 24.26 -24.38
C SER A 241 17.68 23.97 -22.90
N LYS A 242 17.87 25.03 -22.13
CA LYS A 242 17.89 24.95 -20.67
C LYS A 242 16.52 24.53 -20.12
N ILE A 243 15.48 24.68 -20.93
CA ILE A 243 14.13 24.28 -20.53
C ILE A 243 14.04 22.75 -20.60
N LEU A 244 14.15 22.09 -19.46
CA LEU A 244 14.21 20.64 -19.40
C LEU A 244 12.81 20.06 -19.46
N THR A 245 12.62 18.96 -20.19
CA THR A 245 11.25 18.51 -20.45
C THR A 245 10.97 17.03 -20.13
N ASP A 246 11.92 16.35 -19.51
CA ASP A 246 11.63 15.03 -18.97
C ASP A 246 10.96 15.17 -17.60
N THR A 247 10.47 14.07 -17.04
CA THR A 247 9.94 14.03 -15.68
C THR A 247 10.41 12.71 -15.06
N SER A 248 11.10 12.73 -13.92
CA SER A 248 11.37 13.93 -13.13
C SER A 248 12.55 14.71 -13.70
N ARG A 249 12.69 15.95 -13.22
CA ARG A 249 13.77 16.82 -13.67
C ARG A 249 14.08 17.84 -12.57
N PRO A 250 15.30 18.40 -12.56
CA PRO A 250 15.57 19.48 -11.61
C PRO A 250 14.99 20.78 -12.14
N ASN A 251 15.11 21.86 -11.36
CA ASN A 251 14.79 23.18 -11.88
C ASN A 251 15.63 23.42 -13.12
N ASP A 252 15.09 24.19 -14.07
CA ASP A 252 15.85 24.50 -15.28
C ASP A 252 17.10 25.30 -14.95
N PRO A 253 18.26 24.87 -15.47
CA PRO A 253 19.49 25.62 -15.21
C PRO A 253 19.55 26.90 -16.04
N THR A 254 20.66 27.64 -15.94
CA THR A 254 20.81 28.86 -16.73
C THR A 254 21.23 28.51 -18.14
N ASN A 255 21.78 27.32 -18.30
CA ASN A 255 22.28 26.83 -19.59
C ASN A 255 21.99 25.34 -19.80
N GLY A 256 21.42 25.00 -20.95
CA GLY A 256 21.16 23.61 -21.28
C GLY A 256 22.41 22.90 -21.78
N ASN A 257 22.24 21.69 -22.32
CA ASN A 257 23.38 20.90 -22.80
C ASN A 257 23.00 20.03 -24.01
N CYS A 258 23.64 20.28 -25.15
CA CYS A 258 23.37 19.58 -26.40
C CYS A 258 23.96 18.18 -26.47
N ASP A 259 25.05 17.95 -25.75
CA ASP A 259 25.87 16.77 -25.98
C ASP A 259 25.84 15.75 -24.86
N ALA A 260 25.30 16.14 -23.71
CA ALA A 260 25.38 15.29 -22.53
C ALA A 260 24.12 15.43 -21.70
N PRO A 261 23.80 14.39 -20.94
CA PRO A 261 22.62 14.42 -20.06
C PRO A 261 22.78 15.40 -18.90
N ILE A 262 21.74 16.19 -18.65
CA ILE A 262 21.66 16.98 -17.43
C ILE A 262 20.95 16.12 -16.38
N THR A 263 21.66 15.79 -15.31
CA THR A 263 21.17 14.83 -14.32
C THR A 263 20.38 15.53 -13.23
N GLY A 264 19.73 14.76 -12.37
CA GLY A 264 18.98 15.34 -11.28
C GLY A 264 17.49 15.17 -11.43
N GLY A 265 16.75 15.67 -10.44
CA GLY A 265 15.32 15.45 -10.40
C GLY A 265 15.03 14.20 -9.61
N SER A 266 13.82 14.08 -9.09
CA SER A 266 13.44 12.97 -8.24
C SER A 266 11.92 12.95 -8.21
N PRO A 267 11.30 11.76 -8.13
CA PRO A 267 11.92 10.44 -8.03
C PRO A 267 11.81 9.59 -9.30
N ASP A 268 11.19 10.08 -10.37
CA ASP A 268 10.96 9.27 -11.57
C ASP A 268 12.13 9.44 -12.55
N PRO A 269 12.56 8.36 -13.20
CA PRO A 269 13.67 8.50 -14.16
C PRO A 269 13.25 9.00 -15.54
N GLY A 270 11.96 9.00 -15.86
CA GLY A 270 11.55 9.46 -17.18
C GLY A 270 10.08 9.34 -17.49
N VAL A 271 9.66 10.04 -18.55
CA VAL A 271 8.33 9.87 -19.10
C VAL A 271 8.43 10.09 -20.61
N LYS A 272 7.59 9.42 -21.39
CA LYS A 272 7.54 9.70 -22.82
C LYS A 272 7.04 11.12 -23.04
N GLY A 273 7.67 11.84 -23.96
CA GLY A 273 7.27 13.19 -24.31
C GLY A 273 7.62 13.52 -25.75
N PHE A 274 7.55 14.80 -26.12
CA PHE A 274 7.77 15.18 -27.51
C PHE A 274 8.15 16.65 -27.62
N ALA A 275 8.55 17.05 -28.81
CA ALA A 275 8.71 18.46 -29.13
C ALA A 275 8.64 18.64 -30.63
N PHE A 276 8.21 19.82 -31.07
CA PHE A 276 8.31 20.17 -32.48
C PHE A 276 9.43 21.19 -32.61
N LEU A 277 10.43 20.84 -33.42
CA LEU A 277 11.68 21.60 -33.48
C LEU A 277 11.90 22.13 -34.88
N ASP A 278 11.68 23.42 -35.05
CA ASP A 278 11.69 24.05 -36.37
C ASP A 278 12.16 25.50 -36.22
N GLY A 279 13.38 25.67 -35.72
CA GLY A 279 13.95 27.00 -35.55
C GLY A 279 13.12 27.86 -34.61
N GLU A 280 12.72 29.04 -35.09
CA GLU A 280 11.91 29.93 -34.26
C GLU A 280 10.53 29.32 -33.98
N ASN A 281 10.10 28.42 -34.86
CA ASN A 281 8.80 27.77 -34.73
C ASN A 281 8.97 26.48 -33.94
N SER A 282 9.41 26.59 -32.70
CA SER A 282 9.69 25.41 -31.89
C SER A 282 8.84 25.40 -30.62
N TRP A 283 8.25 24.24 -30.33
CA TRP A 283 7.40 24.08 -29.16
C TRP A 283 7.79 22.86 -28.36
N LEU A 284 7.94 23.04 -27.06
CA LEU A 284 8.27 21.94 -26.16
C LEU A 284 7.07 21.64 -25.26
N GLY A 285 6.71 20.36 -25.14
CA GLY A 285 5.73 19.98 -24.15
C GLY A 285 6.45 19.44 -22.92
N ARG A 286 5.85 19.61 -21.75
CA ARG A 286 6.31 18.93 -20.54
C ARG A 286 5.22 18.94 -19.48
N THR A 287 5.36 18.08 -18.49
CA THR A 287 4.50 18.13 -17.32
C THR A 287 4.79 19.43 -16.57
N ILE A 288 3.79 19.96 -15.88
CA ILE A 288 4.00 21.20 -15.14
C ILE A 288 4.84 20.92 -13.89
N SER A 289 4.51 19.85 -13.17
CA SER A 289 5.33 19.41 -12.05
C SER A 289 6.67 18.88 -12.57
N LYS A 290 7.76 19.26 -11.90
CA LYS A 290 9.07 18.74 -12.26
C LYS A 290 9.29 17.38 -11.60
N ASP A 291 8.43 17.03 -10.65
CA ASP A 291 8.58 15.78 -9.92
C ASP A 291 7.71 14.65 -10.49
N SER A 292 6.46 14.99 -10.77
CA SER A 292 5.45 13.98 -11.04
C SER A 292 4.73 14.23 -12.36
N ARG A 293 3.98 13.24 -12.80
CA ARG A 293 3.19 13.36 -14.03
C ARG A 293 1.89 14.10 -13.77
N SER A 294 2.00 15.38 -13.45
CA SER A 294 0.82 16.21 -13.24
C SER A 294 0.94 17.48 -14.05
N GLY A 295 -0.19 17.94 -14.58
CA GLY A 295 -0.21 19.12 -15.43
C GLY A 295 0.43 18.86 -16.78
N TYR A 296 0.15 19.74 -17.73
CA TYR A 296 0.85 19.72 -19.02
C TYR A 296 0.85 21.10 -19.64
N GLU A 297 2.02 21.56 -20.04
CA GLU A 297 2.18 22.88 -20.65
C GLU A 297 2.93 22.80 -21.98
N MET A 298 2.52 23.63 -22.93
CA MET A 298 3.25 23.79 -24.18
C MET A 298 4.00 25.10 -24.09
N LEU A 299 5.30 25.06 -24.36
CA LEU A 299 6.14 26.25 -24.28
C LEU A 299 6.76 26.54 -25.64
N LYS A 300 6.57 27.75 -26.16
CA LYS A 300 7.23 28.11 -27.40
C LYS A 300 8.63 28.60 -27.08
N VAL A 301 9.63 27.82 -27.48
CA VAL A 301 11.02 28.08 -27.16
C VAL A 301 11.82 28.16 -28.47
N PRO A 302 11.97 29.37 -29.02
CA PRO A 302 12.65 29.53 -30.32
C PRO A 302 14.05 28.92 -30.26
N ASN A 303 14.41 28.15 -31.27
CA ASN A 303 15.74 27.54 -31.37
C ASN A 303 16.09 26.63 -30.20
N ALA A 304 15.07 26.03 -29.59
CA ALA A 304 15.25 25.06 -28.51
C ALA A 304 16.23 23.96 -28.89
N GLU A 305 16.20 23.57 -30.16
CA GLU A 305 17.03 22.45 -30.61
C GLU A 305 18.52 22.79 -30.61
N THR A 306 18.86 24.06 -30.76
CA THR A 306 20.24 24.46 -31.02
C THR A 306 20.85 25.46 -30.02
N ASP A 307 19.99 26.12 -29.24
CA ASP A 307 20.42 27.20 -28.35
C ASP A 307 20.29 26.80 -26.87
N THR A 308 21.42 26.62 -26.20
CA THR A 308 21.41 26.19 -24.80
C THR A 308 20.80 27.21 -23.85
N GLN A 309 20.67 28.45 -24.32
CA GLN A 309 20.11 29.53 -23.50
C GLN A 309 18.68 29.88 -23.89
N SER A 310 18.09 29.14 -24.81
CA SER A 310 16.75 29.45 -25.29
C SER A 310 15.72 29.26 -24.19
N GLY A 311 14.77 30.19 -24.09
CA GLY A 311 13.68 30.10 -23.12
C GLY A 311 12.34 30.37 -23.78
N PRO A 312 11.26 30.27 -23.00
CA PRO A 312 9.89 30.43 -23.55
C PRO A 312 9.54 31.88 -23.88
N ILE A 313 8.89 32.11 -25.01
CA ILE A 313 8.36 33.43 -25.34
C ILE A 313 6.83 33.44 -25.27
N SER A 314 6.25 32.24 -25.21
CA SER A 314 4.82 32.10 -24.96
C SER A 314 4.54 30.71 -24.40
N HIS A 315 3.33 30.52 -23.88
CA HIS A 315 2.98 29.22 -23.33
C HIS A 315 1.47 28.98 -23.40
N GLN A 316 1.08 27.72 -23.29
CA GLN A 316 -0.33 27.37 -23.20
C GLN A 316 -0.44 26.16 -22.28
N VAL A 317 -1.17 26.34 -21.18
CA VAL A 317 -1.45 25.21 -20.29
C VAL A 317 -2.47 24.31 -20.97
N ILE A 318 -2.14 23.02 -21.06
CA ILE A 318 -3.02 22.04 -21.68
C ILE A 318 -3.82 21.30 -20.59
N VAL A 319 -3.13 20.97 -19.50
CA VAL A 319 -3.76 20.32 -18.35
C VAL A 319 -3.26 21.06 -17.12
N ASN A 320 -4.15 21.54 -16.25
CA ASN A 320 -3.64 22.29 -15.10
C ASN A 320 -2.91 21.39 -14.10
N ASN A 321 -2.10 21.99 -13.23
CA ASN A 321 -1.22 21.19 -12.38
C ASN A 321 -1.95 20.52 -11.21
N GLN A 322 -3.25 20.73 -11.12
CA GLN A 322 -4.05 20.03 -10.10
C GLN A 322 -4.59 18.72 -10.67
N ASN A 323 -4.21 18.43 -11.91
CA ASN A 323 -4.70 17.23 -12.59
C ASN A 323 -3.57 16.37 -13.12
N TRP A 324 -3.82 15.07 -13.21
CA TRP A 324 -2.81 14.11 -13.63
C TRP A 324 -2.65 14.13 -15.15
N SER A 325 -1.41 14.00 -15.61
CA SER A 325 -1.17 13.83 -17.03
C SER A 325 -0.52 12.48 -17.24
N GLY A 326 0.55 12.43 -18.02
CA GLY A 326 1.15 11.15 -18.35
C GLY A 326 2.00 11.26 -19.60
N TYR A 327 2.00 10.21 -20.41
CA TYR A 327 2.72 10.23 -21.69
C TYR A 327 2.19 11.32 -22.61
N SER A 328 3.04 11.82 -23.48
CA SER A 328 2.64 12.73 -24.54
C SER A 328 3.44 12.40 -25.79
N GLY A 329 2.88 12.68 -26.96
CA GLY A 329 3.56 12.31 -28.18
C GLY A 329 3.08 13.09 -29.39
N ALA A 330 3.82 12.97 -30.49
CA ALA A 330 3.55 13.73 -31.70
C ALA A 330 2.83 12.87 -32.74
N PHE A 331 1.98 13.52 -33.53
CA PHE A 331 1.45 12.91 -34.75
C PHE A 331 1.08 14.05 -35.68
N ILE A 332 0.94 13.74 -36.97
CA ILE A 332 0.52 14.75 -37.93
C ILE A 332 -0.44 14.12 -38.93
N ASP A 333 -1.51 14.82 -39.27
CA ASP A 333 -2.35 14.38 -40.36
C ASP A 333 -1.65 14.75 -41.67
N TYR A 334 -0.77 13.86 -42.14
CA TYR A 334 0.02 14.13 -43.34
C TYR A 334 -0.85 14.22 -44.59
N TRP A 335 -2.10 13.80 -44.48
CA TRP A 335 -3.00 13.81 -45.63
C TRP A 335 -4.05 14.92 -45.57
N ALA A 336 -3.82 15.90 -44.71
CA ALA A 336 -4.73 17.04 -44.61
C ALA A 336 -4.70 17.89 -45.88
N ASN A 337 -5.78 18.63 -46.11
CA ASN A 337 -5.87 19.50 -47.27
C ASN A 337 -5.24 20.84 -46.93
N LYS A 338 -3.91 20.85 -46.78
CA LYS A 338 -3.18 22.05 -46.38
C LYS A 338 -1.83 22.07 -47.08
N GLU A 339 -1.24 23.26 -47.18
CA GLU A 339 0.04 23.40 -47.85
C GLU A 339 1.23 23.11 -46.95
N CYS A 340 0.97 22.97 -45.65
CA CYS A 340 2.00 22.61 -44.69
C CYS A 340 1.54 21.42 -43.84
N PHE A 341 2.49 20.72 -43.22
CA PHE A 341 2.16 19.67 -42.25
C PHE A 341 1.93 20.32 -40.89
N ASN A 342 0.72 20.23 -40.36
CA ASN A 342 0.41 20.88 -39.08
C ASN A 342 0.67 19.98 -37.87
N PRO A 343 1.54 20.42 -36.97
CA PRO A 343 1.84 19.67 -35.73
C PRO A 343 0.59 19.37 -34.90
N CYS A 344 0.50 18.13 -34.43
CA CYS A 344 -0.53 17.73 -33.47
C CYS A 344 0.15 16.98 -32.35
N PHE A 345 -0.51 16.90 -31.20
CA PHE A 345 0.01 16.08 -30.11
C PHE A 345 -1.13 15.56 -29.26
N TYR A 346 -0.86 14.53 -28.47
CA TYR A 346 -1.85 14.03 -27.53
C TYR A 346 -1.22 14.07 -26.15
N VAL A 347 -2.05 14.11 -25.13
CA VAL A 347 -1.59 13.89 -23.78
C VAL A 347 -2.37 12.71 -23.18
N GLU A 348 -1.65 11.75 -22.62
CA GLU A 348 -2.26 10.64 -21.91
C GLU A 348 -2.62 11.12 -20.50
N LEU A 349 -3.87 10.97 -20.13
CA LEU A 349 -4.31 11.43 -18.82
C LEU A 349 -4.48 10.20 -17.92
N ILE A 350 -3.43 9.89 -17.17
CA ILE A 350 -3.40 8.66 -16.38
C ILE A 350 -4.21 8.80 -15.10
N ARG A 351 -5.08 7.84 -14.83
CA ARG A 351 -5.83 7.82 -13.58
C ARG A 351 -5.56 6.51 -12.87
N GLY A 352 -5.62 6.53 -11.53
CA GLY A 352 -5.40 5.31 -10.77
C GLY A 352 -3.98 5.19 -10.28
N ARG A 353 -3.48 3.96 -10.18
CA ARG A 353 -2.18 3.73 -9.57
C ARG A 353 -1.03 4.20 -10.46
N PRO A 354 0.09 4.64 -9.84
CA PRO A 354 0.34 4.60 -8.39
C PRO A 354 -0.11 5.83 -7.59
N LYS A 355 -0.41 6.94 -8.24
CA LYS A 355 -0.73 8.17 -7.51
C LYS A 355 -2.10 8.14 -6.82
N GLU A 356 -3.08 7.50 -7.45
CA GLU A 356 -4.38 7.30 -6.83
C GLU A 356 -4.48 5.83 -6.45
N SER A 357 -3.86 5.47 -5.33
CA SER A 357 -3.71 4.06 -4.96
C SER A 357 -4.89 3.58 -4.16
N SER A 358 -5.91 4.44 -4.08
CA SER A 358 -7.19 4.15 -3.44
C SER A 358 -8.05 3.25 -4.33
N VAL A 359 -7.69 3.16 -5.61
CA VAL A 359 -8.33 2.22 -6.52
C VAL A 359 -7.28 1.17 -6.89
N LEU A 360 -7.72 0.05 -7.46
CA LEU A 360 -6.81 -1.06 -7.72
C LEU A 360 -6.24 -1.05 -9.13
N TRP A 361 -6.74 -0.14 -9.95
CA TRP A 361 -6.43 -0.14 -11.38
C TRP A 361 -5.59 1.04 -11.83
N THR A 362 -5.05 0.95 -13.05
CA THR A 362 -4.41 2.07 -13.74
C THR A 362 -4.96 2.12 -15.15
N SER A 363 -5.44 3.29 -15.58
CA SER A 363 -5.92 3.45 -16.96
C SER A 363 -5.69 4.89 -17.36
N ASN A 364 -6.27 5.31 -18.48
CA ASN A 364 -6.07 6.69 -18.92
C ASN A 364 -7.21 7.10 -19.81
N SER A 365 -7.33 8.40 -20.05
CA SER A 365 -8.08 8.89 -21.19
C SER A 365 -7.14 9.69 -22.09
N ILE A 366 -7.65 10.24 -23.18
CA ILE A 366 -6.82 10.93 -24.16
C ILE A 366 -7.36 12.32 -24.44
N VAL A 367 -6.46 13.29 -24.59
CA VAL A 367 -6.81 14.56 -25.22
C VAL A 367 -5.77 14.81 -26.32
N ALA A 368 -6.22 15.39 -27.43
CA ALA A 368 -5.32 15.67 -28.55
C ALA A 368 -5.61 17.07 -29.08
N LEU A 369 -4.54 17.78 -29.45
CA LEU A 369 -4.64 19.14 -29.98
C LEU A 369 -3.77 19.31 -31.23
N CYS A 370 -4.07 20.33 -32.03
CA CYS A 370 -3.27 20.62 -33.23
C CYS A 370 -2.93 22.11 -33.28
N GLY A 371 -1.94 22.46 -34.08
CA GLY A 371 -1.49 23.84 -34.15
C GLY A 371 -2.50 24.76 -34.80
N SER A 372 -2.44 26.03 -34.42
CA SER A 372 -3.18 27.08 -35.08
C SER A 372 -2.26 28.29 -35.22
N LYS A 373 -2.43 29.05 -36.30
CA LYS A 373 -1.71 30.31 -36.46
C LYS A 373 -2.43 31.43 -35.73
N GLU A 374 -3.65 31.14 -35.28
CA GLU A 374 -4.40 32.11 -34.50
C GLU A 374 -3.92 32.10 -33.06
N ARG A 375 -4.22 33.18 -32.32
CA ARG A 375 -3.97 33.18 -30.88
C ARG A 375 -5.26 32.79 -30.19
N LEU A 376 -5.40 31.50 -29.88
CA LEU A 376 -6.65 30.98 -29.34
C LEU A 376 -6.60 30.92 -27.83
N GLY A 377 -7.71 31.24 -27.17
CA GLY A 377 -7.80 31.08 -25.74
C GLY A 377 -7.66 29.62 -25.37
N SER A 378 -7.32 29.36 -24.11
CA SER A 378 -7.10 27.98 -23.68
C SER A 378 -7.77 27.70 -22.35
N TRP A 379 -8.14 26.44 -22.12
CA TRP A 379 -8.44 25.98 -20.77
C TRP A 379 -7.89 24.58 -20.58
N SER A 380 -8.03 24.06 -19.36
CA SER A 380 -7.45 22.77 -19.02
C SER A 380 -8.33 21.65 -19.55
N TRP A 381 -7.70 20.67 -20.20
CA TRP A 381 -8.41 19.52 -20.78
C TRP A 381 -8.11 18.28 -19.96
N HIS A 382 -8.34 18.38 -18.66
CA HIS A 382 -8.07 17.27 -17.76
C HIS A 382 -9.04 16.09 -17.99
N ASP A 383 -8.71 14.95 -17.40
CA ASP A 383 -9.50 13.74 -17.58
C ASP A 383 -10.96 13.94 -17.21
N GLY A 384 -11.19 14.51 -16.03
CA GLY A 384 -12.54 14.91 -15.63
C GLY A 384 -13.35 13.87 -14.86
N ALA A 385 -12.74 12.72 -14.58
CA ALA A 385 -13.42 11.72 -13.76
C ALA A 385 -13.20 12.00 -12.28
N GLU A 386 -14.16 11.62 -11.44
CA GLU A 386 -14.02 11.71 -10.00
C GLU A 386 -13.64 10.35 -9.47
N ILE A 387 -12.44 10.24 -8.93
CA ILE A 387 -11.95 8.95 -8.47
C ILE A 387 -12.84 8.36 -7.37
N ILE A 388 -13.50 9.23 -6.61
CA ILE A 388 -14.40 8.79 -5.54
C ILE A 388 -15.57 7.95 -6.07
N TYR A 389 -16.03 8.27 -7.28
CA TYR A 389 -17.10 7.50 -7.91
C TYR A 389 -16.70 6.04 -8.17
N PHE A 390 -15.40 5.78 -8.25
CA PHE A 390 -14.88 4.43 -8.49
C PHE A 390 -14.60 3.69 -7.20
N LYS A 391 -14.96 4.31 -6.08
CA LYS A 391 -14.71 3.73 -4.78
C LYS A 391 -16.00 3.64 -3.99
N GLY B 3 -23.75 -9.08 47.34
CA GLY B 3 -22.39 -9.50 47.05
C GLY B 3 -21.43 -9.26 48.21
N THR B 4 -20.23 -9.81 48.08
CA THR B 4 -19.19 -9.62 49.07
C THR B 4 -17.88 -9.49 48.31
N PHE B 5 -16.91 -8.76 48.86
CA PHE B 5 -15.63 -8.58 48.15
C PHE B 5 -14.97 -9.93 47.92
N LEU B 6 -14.46 -10.12 46.71
CA LEU B 6 -13.65 -11.29 46.40
C LEU B 6 -12.34 -11.25 47.18
N ASN B 7 -12.00 -12.37 47.82
CA ASN B 7 -10.69 -12.55 48.43
C ASN B 7 -9.97 -13.66 47.71
N LEU B 8 -8.71 -13.42 47.36
CA LEU B 8 -7.93 -14.40 46.62
C LEU B 8 -7.44 -15.51 47.55
N THR B 9 -8.36 -16.28 48.12
CA THR B 9 -7.99 -17.25 49.15
C THR B 9 -7.47 -18.56 48.56
N LYS B 10 -7.78 -18.83 47.30
CA LYS B 10 -7.54 -20.18 46.76
C LYS B 10 -6.23 -20.30 45.99
N PRO B 11 -5.66 -21.51 45.96
CA PRO B 11 -4.47 -21.72 45.14
C PRO B 11 -4.87 -21.84 43.66
N LEU B 12 -3.87 -21.80 42.79
CA LEU B 12 -4.09 -21.94 41.36
C LEU B 12 -4.25 -23.41 41.03
N CYS B 13 -5.20 -23.76 40.17
CA CYS B 13 -5.39 -25.16 39.78
C CYS B 13 -4.20 -25.69 39.02
N GLU B 14 -3.94 -26.98 39.18
CA GLU B 14 -2.95 -27.66 38.38
C GLU B 14 -3.51 -27.79 36.97
N VAL B 15 -2.64 -27.61 35.97
CA VAL B 15 -3.06 -27.61 34.57
C VAL B 15 -2.17 -28.53 33.75
N SER B 16 -2.77 -29.53 33.09
CA SER B 16 -2.03 -30.43 32.20
C SER B 16 -2.30 -30.15 30.72
N SER B 17 -3.45 -29.55 30.42
CA SER B 17 -3.78 -29.20 29.04
C SER B 17 -4.88 -28.16 29.09
N TRP B 18 -5.31 -27.68 27.93
CA TRP B 18 -6.30 -26.61 27.89
C TRP B 18 -7.56 -27.02 27.14
N HIS B 19 -8.72 -26.73 27.72
CA HIS B 19 -10.00 -27.07 27.09
C HIS B 19 -10.69 -25.82 26.56
N ILE B 20 -11.51 -25.99 25.53
CA ILE B 20 -12.17 -24.86 24.90
C ILE B 20 -13.23 -24.28 25.83
N LEU B 21 -13.21 -22.95 25.99
CA LEU B 21 -14.20 -22.29 26.82
C LEU B 21 -15.21 -21.54 25.95
N SER B 22 -14.69 -20.72 25.03
CA SER B 22 -15.56 -19.93 24.18
C SER B 22 -14.88 -19.53 22.88
N LYS B 23 -15.68 -19.21 21.88
CA LYS B 23 -15.18 -18.73 20.61
C LYS B 23 -16.34 -18.00 19.96
N ASP B 24 -16.13 -16.77 19.52
CA ASP B 24 -17.26 -15.99 19.01
C ASP B 24 -17.42 -15.99 17.49
N ASN B 25 -16.39 -16.40 16.75
CA ASN B 25 -16.47 -16.45 15.29
C ASN B 25 -16.95 -15.14 14.69
N ALA B 26 -16.48 -14.04 15.26
CA ALA B 26 -17.02 -12.72 14.94
C ALA B 26 -16.81 -12.32 13.48
N ILE B 27 -15.65 -12.66 12.92
CA ILE B 27 -15.34 -12.26 11.55
C ILE B 27 -16.17 -13.05 10.56
N ARG B 28 -16.28 -14.36 10.76
CA ARG B 28 -17.14 -15.21 9.94
C ARG B 28 -18.56 -14.68 9.94
N ILE B 29 -19.10 -14.44 11.13
CA ILE B 29 -20.47 -13.99 11.25
C ILE B 29 -20.63 -12.57 10.70
N GLY B 30 -19.66 -11.71 10.99
CA GLY B 30 -19.72 -10.32 10.59
C GLY B 30 -19.56 -10.05 9.10
N GLU B 31 -19.21 -11.10 8.35
CA GLU B 31 -19.19 -11.01 6.89
C GLU B 31 -20.57 -10.64 6.37
N ASP B 32 -21.62 -11.04 7.11
CA ASP B 32 -23.00 -10.80 6.69
C ASP B 32 -23.98 -10.48 7.83
N ALA B 33 -23.47 -10.12 8.99
CA ALA B 33 -24.35 -9.69 10.07
C ALA B 33 -23.79 -8.38 10.57
N HIS B 34 -24.52 -7.69 11.44
CA HIS B 34 -24.06 -6.39 11.90
C HIS B 34 -23.16 -6.55 13.10
N ILE B 35 -21.87 -6.73 12.83
CA ILE B 35 -20.88 -7.00 13.87
C ILE B 35 -19.90 -5.84 13.94
N LEU B 36 -19.64 -5.34 15.14
CA LEU B 36 -18.74 -4.20 15.33
C LEU B 36 -17.30 -4.59 15.04
N VAL B 37 -16.54 -3.66 14.44
CA VAL B 37 -15.09 -3.79 14.34
C VAL B 37 -14.52 -3.59 15.74
N THR B 38 -13.58 -4.44 16.12
CA THR B 38 -12.98 -4.36 17.43
C THR B 38 -11.48 -4.62 17.31
N ARG B 39 -10.78 -4.47 18.43
CA ARG B 39 -9.47 -5.08 18.64
C ARG B 39 -9.21 -5.01 20.13
N GLU B 40 -8.08 -5.58 20.57
CA GLU B 40 -7.72 -5.59 21.99
C GLU B 40 -8.84 -6.18 22.88
N PRO B 41 -9.27 -7.42 22.57
CA PRO B 41 -10.34 -8.06 23.32
C PRO B 41 -9.80 -8.70 24.60
N TYR B 42 -10.70 -9.05 25.50
CA TYR B 42 -10.38 -9.91 26.62
C TYR B 42 -11.65 -10.52 27.20
N LEU B 43 -11.51 -11.28 28.27
CA LEU B 43 -12.69 -11.72 29.02
C LEU B 43 -12.53 -11.35 30.48
N SER B 44 -13.66 -11.19 31.16
CA SER B 44 -13.64 -10.91 32.59
C SER B 44 -14.92 -11.45 33.21
N CYS B 45 -14.80 -12.03 34.40
CA CYS B 45 -15.94 -12.68 35.01
C CYS B 45 -16.46 -11.90 36.21
N ASP B 46 -17.65 -12.28 36.66
CA ASP B 46 -18.23 -11.70 37.86
C ASP B 46 -19.01 -12.83 38.53
N PRO B 47 -19.62 -12.59 39.70
CA PRO B 47 -20.30 -13.70 40.37
C PRO B 47 -21.36 -14.39 39.50
N GLN B 48 -21.92 -13.69 38.52
CA GLN B 48 -22.98 -14.24 37.67
C GLN B 48 -22.48 -15.02 36.46
N GLY B 49 -21.31 -14.65 35.94
CA GLY B 49 -20.82 -15.29 34.74
C GLY B 49 -19.65 -14.57 34.13
N CYS B 50 -19.22 -15.02 32.95
CA CYS B 50 -18.11 -14.37 32.25
C CYS B 50 -18.61 -13.61 31.03
N ARG B 51 -17.92 -12.53 30.70
CA ARG B 51 -18.30 -11.71 29.55
C ARG B 51 -17.09 -11.42 28.69
N MET B 52 -17.33 -11.16 27.41
CA MET B 52 -16.27 -10.75 26.51
C MET B 52 -16.20 -9.22 26.49
N PHE B 53 -15.00 -8.68 26.32
CA PHE B 53 -14.74 -7.24 26.30
C PHE B 53 -13.85 -6.96 25.10
N ALA B 54 -13.96 -5.77 24.52
CA ALA B 54 -13.04 -5.33 23.47
C ALA B 54 -13.16 -3.84 23.26
N LEU B 55 -12.23 -3.27 22.51
CA LEU B 55 -12.33 -1.87 22.11
C LEU B 55 -13.01 -1.80 20.74
N SER B 56 -14.24 -1.32 20.74
CA SER B 56 -14.97 -1.08 19.50
C SER B 56 -14.26 0.01 18.69
N GLN B 57 -14.46 0.00 17.38
CA GLN B 57 -14.02 1.09 16.52
C GLN B 57 -15.20 1.97 16.08
N GLY B 58 -16.38 1.71 16.62
CA GLY B 58 -17.53 2.56 16.33
C GLY B 58 -18.03 2.47 14.89
N THR B 59 -18.01 1.25 14.36
CA THR B 59 -18.47 0.96 13.01
C THR B 59 -18.64 -0.55 12.90
N THR B 60 -19.50 -1.01 12.00
CA THR B 60 -19.59 -2.45 11.73
C THR B 60 -18.49 -2.87 10.77
N LEU B 61 -18.26 -4.17 10.67
CA LEU B 61 -17.18 -4.74 9.87
C LEU B 61 -17.40 -4.55 8.36
N ARG B 62 -18.64 -4.75 7.92
CA ARG B 62 -18.99 -4.57 6.52
C ARG B 62 -19.26 -3.09 6.20
N GLY B 63 -19.34 -2.25 7.23
CA GLY B 63 -19.62 -0.84 7.00
C GLY B 63 -18.47 -0.13 6.31
N ARG B 64 -18.76 0.92 5.57
CA ARG B 64 -17.72 1.72 4.92
C ARG B 64 -16.73 2.34 5.91
N HIS B 65 -17.18 2.61 7.13
CA HIS B 65 -16.29 3.22 8.13
C HIS B 65 -15.28 2.22 8.72
N ALA B 66 -15.38 0.95 8.31
CA ALA B 66 -14.33 -0.03 8.67
C ALA B 66 -13.01 0.34 8.01
N ASN B 67 -13.09 1.07 6.91
CA ASN B 67 -11.90 1.55 6.21
C ASN B 67 -11.08 2.44 7.14
N GLY B 68 -9.84 2.05 7.42
CA GLY B 68 -8.97 2.85 8.29
C GLY B 68 -8.82 2.34 9.71
N THR B 69 -9.47 1.22 10.03
CA THR B 69 -9.52 0.76 11.42
C THR B 69 -8.25 0.08 11.92
N ILE B 70 -7.20 0.07 11.11
CA ILE B 70 -5.88 -0.28 11.64
C ILE B 70 -5.48 0.77 12.68
N HIS B 71 -6.02 1.97 12.54
CA HIS B 71 -5.66 3.11 13.39
C HIS B 71 -5.99 2.80 14.85
N ASP B 72 -5.06 3.10 15.76
CA ASP B 72 -5.20 2.67 17.15
C ASP B 72 -6.13 3.52 18.01
N ARG B 73 -6.11 4.84 17.79
CA ARG B 73 -6.77 5.76 18.73
C ARG B 73 -7.65 6.78 18.01
N SER B 74 -8.93 6.82 18.37
CA SER B 74 -9.87 7.75 17.75
C SER B 74 -10.96 8.07 18.74
N PRO B 75 -11.74 9.14 18.49
CA PRO B 75 -12.86 9.46 19.39
C PRO B 75 -14.02 8.50 19.21
N PHE B 76 -13.89 7.49 18.35
CA PHE B 76 -15.01 6.64 18.01
C PHE B 76 -14.90 5.25 18.66
N ARG B 77 -13.85 5.07 19.45
CA ARG B 77 -13.62 3.82 20.16
C ARG B 77 -14.22 3.82 21.56
N ALA B 78 -14.54 2.64 22.07
CA ALA B 78 -15.14 2.51 23.39
C ALA B 78 -14.87 1.10 23.87
N LEU B 79 -14.80 0.92 25.19
CA LEU B 79 -14.81 -0.42 25.76
C LEU B 79 -16.25 -0.94 25.79
N ILE B 80 -16.46 -2.08 25.13
CA ILE B 80 -17.76 -2.71 25.09
C ILE B 80 -17.64 -4.08 25.72
N SER B 81 -18.73 -4.58 26.28
CA SER B 81 -18.74 -5.94 26.80
C SER B 81 -20.02 -6.60 26.36
N TRP B 82 -20.01 -7.93 26.31
CA TRP B 82 -21.17 -8.65 25.81
C TRP B 82 -21.15 -10.07 26.32
N GLU B 83 -22.28 -10.75 26.22
CA GLU B 83 -22.38 -12.12 26.73
C GLU B 83 -21.38 -13.05 26.05
N MET B 84 -20.64 -13.81 26.86
CA MET B 84 -19.56 -14.66 26.38
C MET B 84 -20.04 -15.61 25.29
N GLY B 85 -19.36 -15.59 24.14
CA GLY B 85 -19.67 -16.50 23.06
C GLY B 85 -20.44 -15.87 21.92
N GLN B 86 -21.24 -14.85 22.22
CA GLN B 86 -21.86 -14.08 21.16
C GLN B 86 -20.78 -13.25 20.49
N ALA B 87 -21.04 -12.82 19.26
CA ALA B 87 -20.20 -11.84 18.60
C ALA B 87 -20.70 -10.43 18.95
N PRO B 88 -19.79 -9.45 18.96
CA PRO B 88 -20.19 -8.09 19.38
C PRO B 88 -20.97 -7.35 18.28
N SER B 89 -22.22 -6.99 18.57
CA SER B 89 -23.02 -6.23 17.62
C SER B 89 -23.47 -4.92 18.26
N PRO B 90 -23.89 -3.95 17.44
CA PRO B 90 -24.44 -2.73 18.05
C PRO B 90 -25.72 -3.02 18.84
N TYR B 91 -26.30 -4.19 18.67
CA TYR B 91 -27.56 -4.53 19.33
C TYR B 91 -27.38 -5.23 20.67
N ASN B 92 -26.20 -5.79 20.93
CA ASN B 92 -26.03 -6.62 22.12
C ASN B 92 -24.93 -6.18 23.07
N VAL B 93 -24.25 -5.07 22.79
CA VAL B 93 -23.12 -4.70 23.63
C VAL B 93 -23.48 -3.71 24.72
N ARG B 94 -22.76 -3.78 25.83
CA ARG B 94 -22.86 -2.77 26.87
C ARG B 94 -21.63 -1.88 26.74
N VAL B 95 -21.83 -0.57 26.67
CA VAL B 95 -20.69 0.33 26.60
C VAL B 95 -20.22 0.61 28.02
N GLU B 96 -19.01 0.17 28.33
CA GLU B 96 -18.45 0.28 29.68
C GLU B 96 -17.86 1.67 29.95
N CYS B 97 -17.18 2.20 28.94
CA CYS B 97 -16.58 3.53 29.01
C CYS B 97 -16.06 3.87 27.62
N ILE B 98 -15.67 5.12 27.42
CA ILE B 98 -15.27 5.61 26.11
C ILE B 98 -13.77 5.79 26.05
N GLY B 99 -13.15 5.28 25.00
CA GLY B 99 -11.71 5.40 24.88
C GLY B 99 -11.04 4.30 24.09
N TRP B 100 -9.71 4.33 24.11
CA TRP B 100 -8.90 3.51 23.20
C TRP B 100 -7.84 2.67 23.90
N SER B 101 -7.97 2.60 25.22
CA SER B 101 -7.15 1.70 26.06
C SER B 101 -7.95 1.40 27.30
N SER B 102 -8.00 0.14 27.74
CA SER B 102 -8.90 -0.17 28.83
C SER B 102 -8.43 -1.26 29.78
N THR B 103 -9.07 -1.34 30.93
CA THR B 103 -9.03 -2.53 31.78
C THR B 103 -10.37 -2.61 32.49
N SER B 104 -10.66 -3.77 33.06
CA SER B 104 -11.91 -3.95 33.79
C SER B 104 -11.79 -5.12 34.73
N CYS B 105 -12.46 -5.05 35.88
CA CYS B 105 -12.53 -6.20 36.77
C CYS B 105 -13.65 -6.02 37.77
N HIS B 106 -14.16 -7.13 38.28
CA HIS B 106 -15.24 -7.13 39.24
C HIS B 106 -14.66 -7.46 40.61
N ASP B 107 -15.02 -6.69 41.63
CA ASP B 107 -14.41 -6.88 42.94
C ASP B 107 -15.23 -7.82 43.83
N GLY B 108 -16.28 -8.42 43.27
CA GLY B 108 -17.17 -9.27 44.02
C GLY B 108 -18.50 -8.58 44.26
N ILE B 109 -18.46 -7.26 44.29
CA ILE B 109 -19.68 -6.47 44.48
C ILE B 109 -20.07 -5.73 43.20
N SER B 110 -19.16 -4.96 42.63
CA SER B 110 -19.43 -4.22 41.40
C SER B 110 -18.23 -4.25 40.45
N ARG B 111 -18.46 -3.87 39.21
CA ARG B 111 -17.41 -3.87 38.21
C ARG B 111 -16.75 -2.51 38.11
N MET B 112 -15.42 -2.50 38.12
CA MET B 112 -14.66 -1.30 37.79
C MET B 112 -14.20 -1.40 36.34
N SER B 113 -14.43 -0.35 35.56
CA SER B 113 -13.92 -0.29 34.20
C SER B 113 -13.18 1.02 33.99
N ILE B 114 -12.04 0.95 33.33
CA ILE B 114 -11.21 2.12 33.10
C ILE B 114 -10.91 2.27 31.62
N CYS B 115 -11.08 3.48 31.10
CA CYS B 115 -10.84 3.78 29.69
C CYS B 115 -10.00 5.05 29.58
N MET B 116 -8.93 5.00 28.79
CA MET B 116 -8.20 6.21 28.41
C MET B 116 -8.70 6.75 27.07
N SER B 117 -8.81 8.06 26.98
CA SER B 117 -9.18 8.70 25.72
C SER B 117 -8.43 10.02 25.61
N GLY B 118 -8.53 10.66 24.45
CA GLY B 118 -7.89 11.95 24.26
C GLY B 118 -6.74 11.92 23.27
N PRO B 119 -6.15 13.09 23.03
CA PRO B 119 -5.02 13.22 22.09
C PRO B 119 -3.75 12.65 22.75
N ASN B 120 -2.73 12.36 21.95
CA ASN B 120 -1.54 11.70 22.47
C ASN B 120 -0.90 12.48 23.61
N ASN B 121 -0.91 13.80 23.50
CA ASN B 121 -0.17 14.64 24.46
C ASN B 121 -0.98 15.04 25.69
N ASN B 122 -2.21 14.56 25.78
CA ASN B 122 -3.14 15.05 26.80
C ASN B 122 -4.27 14.04 27.06
N ALA B 123 -3.93 12.76 27.11
CA ALA B 123 -4.95 11.73 27.36
C ALA B 123 -5.36 11.74 28.82
N SER B 124 -6.45 11.05 29.12
CA SER B 124 -6.92 10.96 30.50
C SER B 124 -7.67 9.66 30.68
N ALA B 125 -7.63 9.12 31.89
CA ALA B 125 -8.40 7.93 32.20
C ALA B 125 -9.67 8.34 32.92
N VAL B 126 -10.78 7.70 32.59
CA VAL B 126 -11.97 7.82 33.42
C VAL B 126 -12.22 6.45 34.04
N VAL B 127 -12.36 6.45 35.37
CA VAL B 127 -12.56 5.22 36.14
C VAL B 127 -14.03 5.10 36.52
N TRP B 128 -14.66 4.00 36.08
CA TRP B 128 -16.06 3.73 36.35
C TRP B 128 -16.20 2.64 37.41
N TYR B 129 -17.22 2.74 38.24
CA TYR B 129 -17.51 1.69 39.22
C TYR B 129 -19.01 1.56 39.35
N GLY B 130 -19.51 0.34 39.19
CA GLY B 130 -20.94 0.12 39.21
C GLY B 130 -21.67 0.88 38.11
N GLY B 131 -21.03 1.03 36.96
CA GLY B 131 -21.67 1.66 35.82
C GLY B 131 -21.75 3.19 35.89
N ARG B 132 -21.02 3.79 36.82
CA ARG B 132 -20.98 5.24 36.94
C ARG B 132 -19.53 5.70 37.01
N PRO B 133 -19.22 6.87 36.41
CA PRO B 133 -17.85 7.40 36.52
C PRO B 133 -17.60 7.92 37.93
N VAL B 134 -16.44 7.59 38.50
CA VAL B 134 -16.12 7.99 39.87
C VAL B 134 -14.81 8.76 40.01
N THR B 135 -13.84 8.48 39.14
CA THR B 135 -12.51 9.09 39.23
C THR B 135 -11.97 9.42 37.85
N GLU B 136 -11.27 10.55 37.72
CA GLU B 136 -10.58 10.88 36.48
C GLU B 136 -9.09 11.11 36.74
N ILE B 137 -8.24 10.65 35.83
CA ILE B 137 -6.80 10.75 36.01
C ILE B 137 -6.15 11.34 34.77
N PRO B 138 -5.54 12.54 34.91
CA PRO B 138 -4.90 13.13 33.73
C PRO B 138 -3.56 12.48 33.45
N SER B 139 -3.14 12.55 32.18
CA SER B 139 -1.83 12.07 31.77
C SER B 139 -0.72 12.74 32.60
N TRP B 140 0.27 11.97 33.04
CA TRP B 140 1.37 12.52 33.82
C TRP B 140 2.63 12.75 33.00
N ALA B 141 2.70 12.15 31.82
CA ALA B 141 3.88 12.28 30.98
C ALA B 141 3.59 12.84 29.59
N GLY B 142 2.31 13.12 29.31
CA GLY B 142 1.94 13.71 28.03
C GLY B 142 2.27 12.86 26.81
N ASN B 143 2.15 11.54 26.94
CA ASN B 143 2.50 10.67 25.83
C ASN B 143 1.75 9.34 25.87
N ILE B 144 0.50 9.39 25.44
CA ILE B 144 -0.39 8.24 25.31
C ILE B 144 -0.52 7.43 26.60
N LEU B 145 -1.15 8.03 27.60
CA LEU B 145 -1.48 7.32 28.84
C LEU B 145 -2.29 6.08 28.47
N ARG B 146 -1.91 4.92 29.00
CA ARG B 146 -2.49 3.67 28.52
C ARG B 146 -2.39 2.56 29.58
N THR B 147 -3.13 1.47 29.38
CA THR B 147 -3.19 0.44 30.43
C THR B 147 -3.23 -1.00 29.87
N GLN B 148 -3.84 -1.92 30.61
CA GLN B 148 -3.60 -3.36 30.44
C GLN B 148 -4.14 -4.02 29.16
N GLU B 149 -5.33 -3.61 28.72
CA GLU B 149 -6.06 -4.28 27.64
C GLU B 149 -6.47 -5.71 27.99
N SER B 150 -6.51 -6.02 29.28
CA SER B 150 -7.15 -7.24 29.79
C SER B 150 -7.54 -6.98 31.25
N GLU B 151 -8.13 -7.97 31.90
CA GLU B 151 -8.76 -7.71 33.19
C GLU B 151 -7.77 -7.43 34.29
N CYS B 152 -8.18 -6.59 35.23
CA CYS B 152 -7.43 -6.39 36.47
C CYS B 152 -7.91 -7.45 37.47
N VAL B 153 -7.37 -7.43 38.68
CA VAL B 153 -7.72 -8.45 39.67
C VAL B 153 -7.94 -7.75 41.01
N CYS B 154 -8.95 -8.19 41.77
CA CYS B 154 -9.28 -7.55 43.04
C CYS B 154 -9.10 -8.48 44.23
N HIS B 155 -8.80 -7.91 45.39
CA HIS B 155 -8.63 -8.70 46.61
C HIS B 155 -9.03 -7.85 47.80
N LYS B 156 -10.04 -8.30 48.53
CA LYS B 156 -10.60 -7.55 49.66
C LYS B 156 -10.99 -6.12 49.27
N GLY B 157 -11.47 -5.96 48.04
CA GLY B 157 -11.91 -4.65 47.58
C GLY B 157 -10.84 -3.79 46.92
N ILE B 158 -9.59 -4.26 46.94
CA ILE B 158 -8.49 -3.53 46.33
C ILE B 158 -8.16 -4.10 44.95
N CYS B 159 -8.23 -3.25 43.93
CA CYS B 159 -7.98 -3.67 42.56
C CYS B 159 -6.80 -2.86 41.98
N PRO B 160 -5.60 -3.46 41.94
CA PRO B 160 -4.45 -2.77 41.35
C PRO B 160 -4.56 -2.74 39.83
N VAL B 161 -4.10 -1.65 39.24
CA VAL B 161 -4.09 -1.47 37.79
C VAL B 161 -2.74 -0.93 37.41
N VAL B 162 -2.14 -1.51 36.38
CA VAL B 162 -0.85 -1.02 35.89
C VAL B 162 -1.12 -0.08 34.73
N MET B 163 -0.55 1.12 34.79
CA MET B 163 -0.70 2.12 33.73
C MET B 163 0.65 2.69 33.32
N THR B 164 0.77 3.06 32.05
CA THR B 164 2.03 3.59 31.52
C THR B 164 1.75 4.87 30.74
N ASP B 165 2.63 5.86 30.89
CA ASP B 165 2.54 7.10 30.12
C ASP B 165 3.97 7.41 29.71
N GLY B 166 4.19 7.66 28.41
CA GLY B 166 5.55 7.86 27.92
C GLY B 166 5.81 7.10 26.63
N PRO B 167 7.06 7.18 26.14
CA PRO B 167 7.46 6.63 24.84
C PRO B 167 7.18 5.13 24.69
N ALA B 168 6.88 4.73 23.45
CA ALA B 168 6.74 3.31 23.11
C ALA B 168 8.11 2.68 22.89
N ASN B 169 9.10 3.53 22.62
CA ASN B 169 10.42 3.08 22.19
C ASN B 169 11.56 3.66 23.04
N ASN B 170 11.25 3.98 24.29
CA ASN B 170 12.25 4.48 25.23
C ASN B 170 11.66 4.35 26.61
N ARG B 171 12.41 4.72 27.64
CA ARG B 171 11.92 4.65 29.01
C ARG B 171 10.63 5.44 29.16
N ALA B 172 9.65 4.86 29.86
CA ALA B 172 8.36 5.52 30.09
C ALA B 172 8.08 5.62 31.58
N ALA B 173 6.95 6.22 31.93
CA ALA B 173 6.58 6.37 33.34
C ALA B 173 5.40 5.47 33.69
N THR B 174 5.69 4.34 34.32
CA THR B 174 4.66 3.36 34.66
C THR B 174 4.28 3.53 36.13
N LYS B 175 3.00 3.35 36.44
CA LYS B 175 2.55 3.45 37.82
C LYS B 175 1.61 2.29 38.14
N ILE B 176 1.58 1.89 39.40
CA ILE B 176 0.58 0.93 39.86
C ILE B 176 -0.41 1.72 40.70
N ILE B 177 -1.68 1.67 40.31
CA ILE B 177 -2.70 2.43 41.04
C ILE B 177 -3.63 1.45 41.72
N TYR B 178 -3.77 1.61 43.04
CA TYR B 178 -4.59 0.71 43.83
C TYR B 178 -5.96 1.34 44.07
N PHE B 179 -6.99 0.73 43.48
CA PHE B 179 -8.35 1.27 43.55
C PHE B 179 -9.23 0.54 44.56
N LYS B 180 -10.19 1.27 45.12
CA LYS B 180 -11.26 0.64 45.88
C LYS B 180 -12.54 1.38 45.57
N GLU B 181 -13.54 0.66 45.06
CA GLU B 181 -14.76 1.27 44.56
C GLU B 181 -14.45 2.39 43.58
N GLY B 182 -13.39 2.19 42.81
CA GLY B 182 -12.98 3.14 41.79
C GLY B 182 -12.26 4.36 42.33
N LYS B 183 -12.00 4.38 43.64
CA LYS B 183 -11.29 5.49 44.25
C LYS B 183 -9.83 5.12 44.53
N ILE B 184 -8.93 6.06 44.26
CA ILE B 184 -7.50 5.82 44.43
C ILE B 184 -7.14 5.69 45.91
N GLN B 185 -6.55 4.55 46.28
CA GLN B 185 -6.10 4.30 47.65
C GLN B 185 -4.62 4.59 47.79
N LYS B 186 -3.87 4.36 46.71
CA LYS B 186 -2.42 4.52 46.72
C LYS B 186 -1.93 4.53 45.29
N ILE B 187 -0.86 5.26 45.02
CA ILE B 187 -0.20 5.25 43.73
C ILE B 187 1.27 4.94 43.93
N GLU B 188 1.80 3.95 43.22
CA GLU B 188 3.23 3.64 43.27
C GLU B 188 3.87 3.84 41.91
N GLU B 189 5.07 4.42 41.88
CA GLU B 189 5.87 4.40 40.67
C GLU B 189 6.37 2.97 40.48
N LEU B 190 6.48 2.54 39.22
CA LEU B 190 7.03 1.22 38.93
C LEU B 190 8.41 1.08 39.55
N ALA B 191 8.61 -0.02 40.29
CA ALA B 191 9.92 -0.36 40.83
C ALA B 191 10.37 -1.66 40.19
N GLY B 192 11.54 -2.16 40.58
CA GLY B 192 12.01 -3.42 40.04
C GLY B 192 12.90 -3.26 38.83
N ASN B 193 13.09 -4.36 38.11
CA ASN B 193 14.07 -4.41 37.03
C ASN B 193 13.50 -4.31 35.62
N ALA B 194 12.19 -4.40 35.50
CA ALA B 194 11.56 -4.27 34.20
C ALA B 194 11.85 -2.88 33.67
N GLN B 195 12.35 -2.80 32.43
CA GLN B 195 12.79 -1.53 31.86
C GLN B 195 11.68 -0.78 31.13
N HIS B 196 10.66 -1.52 30.72
CA HIS B 196 9.54 -0.94 29.99
C HIS B 196 8.37 -1.86 30.22
N ILE B 197 7.20 -1.28 30.52
CA ILE B 197 6.01 -2.04 30.86
C ILE B 197 4.81 -1.57 30.06
N GLU B 198 4.16 -2.51 29.37
CA GLU B 198 2.92 -2.25 28.67
C GLU B 198 2.00 -3.44 28.80
N GLU B 199 0.69 -3.17 28.73
CA GLU B 199 -0.31 -4.21 28.50
C GLU B 199 -0.19 -5.45 29.40
N CYS B 200 -0.12 -5.23 30.71
CA CYS B 200 0.02 -6.32 31.65
C CYS B 200 -1.20 -7.26 31.65
N SER B 201 -0.93 -8.56 31.66
CA SER B 201 -1.96 -9.60 31.82
C SER B 201 -1.81 -10.18 33.23
N CYS B 202 -2.86 -10.05 34.03
CA CYS B 202 -2.77 -10.34 35.46
C CYS B 202 -3.74 -11.42 35.92
N TYR B 203 -3.35 -12.15 36.96
CA TYR B 203 -4.24 -13.12 37.60
C TYR B 203 -3.82 -13.18 39.05
N GLY B 204 -4.69 -13.73 39.91
CA GLY B 204 -4.37 -13.80 41.32
C GLY B 204 -4.61 -15.17 41.92
N ALA B 205 -3.91 -15.45 43.02
CA ALA B 205 -4.09 -16.67 43.80
C ALA B 205 -3.37 -16.49 45.13
N VAL B 206 -3.90 -17.11 46.18
CA VAL B 206 -3.35 -17.02 47.54
C VAL B 206 -2.79 -15.66 47.94
N GLY B 207 -3.59 -14.62 47.72
CA GLY B 207 -3.26 -13.28 48.17
C GLY B 207 -2.22 -12.56 47.34
N VAL B 208 -1.89 -13.12 46.17
CA VAL B 208 -0.86 -12.54 45.32
C VAL B 208 -1.43 -12.24 43.94
N ILE B 209 -1.08 -11.09 43.37
CA ILE B 209 -1.44 -10.81 41.98
C ILE B 209 -0.17 -10.81 41.13
N LYS B 210 -0.19 -11.56 40.05
CA LYS B 210 0.98 -11.61 39.17
C LYS B 210 0.59 -11.14 37.78
N CYS B 211 1.41 -10.28 37.21
CA CYS B 211 1.18 -9.72 35.88
C CYS B 211 2.35 -10.03 34.95
N VAL B 212 2.02 -10.41 33.72
CA VAL B 212 3.03 -10.68 32.72
C VAL B 212 2.79 -9.71 31.60
N CYS B 213 3.81 -8.92 31.26
CA CYS B 213 3.59 -7.73 30.45
C CYS B 213 4.39 -7.73 29.14
N ARG B 214 4.45 -6.57 28.50
CA ARG B 214 5.14 -6.38 27.23
C ARG B 214 6.18 -5.27 27.39
N ASP B 215 7.43 -5.60 27.07
CA ASP B 215 8.53 -4.63 27.00
C ASP B 215 8.64 -4.25 25.53
N ASN B 216 8.24 -3.03 25.19
CA ASN B 216 8.21 -2.61 23.78
C ASN B 216 9.51 -1.93 23.39
N TRP B 217 10.37 -1.71 24.37
CA TRP B 217 11.59 -0.93 24.17
C TRP B 217 12.79 -1.82 23.83
N LYS B 218 13.05 -2.83 24.67
CA LYS B 218 14.25 -3.64 24.50
C LYS B 218 13.99 -5.14 24.47
N GLY B 219 13.31 -5.64 25.50
CA GLY B 219 13.26 -7.08 25.73
C GLY B 219 12.32 -7.90 24.87
N ALA B 220 12.80 -9.10 24.50
CA ALA B 220 11.97 -10.11 23.86
C ALA B 220 11.52 -11.12 24.92
N ASN B 221 12.14 -11.04 26.10
CA ASN B 221 11.57 -11.68 27.28
C ASN B 221 10.55 -10.74 27.91
N ARG B 222 9.52 -11.29 28.56
CA ARG B 222 8.44 -10.48 29.11
C ARG B 222 8.69 -10.07 30.54
N PRO B 223 8.39 -8.81 30.85
CA PRO B 223 8.41 -8.35 32.23
C PRO B 223 7.37 -9.09 33.06
N VAL B 224 7.67 -9.27 34.34
CA VAL B 224 6.74 -9.89 35.26
C VAL B 224 6.63 -8.94 36.45
N ILE B 225 5.41 -8.55 36.80
CA ILE B 225 5.18 -7.73 37.97
C ILE B 225 4.43 -8.58 38.99
N THR B 226 4.87 -8.54 40.24
CA THR B 226 4.19 -9.25 41.31
C THR B 226 3.68 -8.24 42.33
N ILE B 227 2.40 -8.33 42.67
CA ILE B 227 1.75 -7.33 43.50
C ILE B 227 1.17 -7.95 44.77
N ASP B 228 1.40 -7.31 45.91
CA ASP B 228 0.70 -7.67 47.15
C ASP B 228 -0.42 -6.65 47.33
N PRO B 229 -1.68 -7.06 47.10
CA PRO B 229 -2.77 -6.08 47.14
C PRO B 229 -3.16 -5.67 48.56
N GLU B 230 -2.71 -6.40 49.57
CA GLU B 230 -2.97 -6.00 50.96
C GLU B 230 -1.97 -4.93 51.43
N MET B 231 -0.68 -5.20 51.27
CA MET B 231 0.35 -4.20 51.59
C MET B 231 0.41 -3.12 50.53
N MET B 232 -0.18 -3.39 49.36
CA MET B 232 -0.15 -2.47 48.23
C MET B 232 1.29 -2.13 47.83
N THR B 233 2.06 -3.19 47.59
CA THR B 233 3.44 -3.05 47.15
C THR B 233 3.70 -4.03 46.01
N HIS B 234 4.81 -3.86 45.32
CA HIS B 234 5.07 -4.70 44.15
C HIS B 234 6.55 -4.84 43.85
N THR B 235 6.87 -5.81 43.00
CA THR B 235 8.22 -6.01 42.49
C THR B 235 8.10 -6.20 40.98
N SER B 236 9.20 -6.09 40.25
CA SER B 236 9.18 -6.43 38.83
C SER B 236 10.51 -7.00 38.38
N LYS B 237 10.44 -7.85 37.35
CA LYS B 237 11.63 -8.47 36.80
C LYS B 237 11.29 -8.91 35.39
N TYR B 238 12.10 -9.79 34.82
CA TYR B 238 11.79 -10.42 33.54
C TYR B 238 11.57 -11.91 33.75
N LEU B 239 10.77 -12.51 32.88
CA LEU B 239 10.57 -13.96 32.88
C LEU B 239 11.93 -14.61 32.62
N CYS B 240 12.38 -15.45 33.57
CA CYS B 240 13.74 -16.00 33.57
C CYS B 240 14.01 -16.96 32.42
N SER B 241 12.98 -17.69 32.01
CA SER B 241 13.16 -18.80 31.08
C SER B 241 13.82 -18.39 29.77
N LYS B 242 14.61 -19.29 29.22
CA LYS B 242 15.20 -19.10 27.90
C LYS B 242 14.14 -19.15 26.80
N ILE B 243 12.97 -19.66 27.15
CA ILE B 243 11.86 -19.65 26.21
C ILE B 243 11.27 -18.24 26.16
N LEU B 244 11.62 -17.49 25.12
CA LEU B 244 11.22 -16.09 24.99
C LEU B 244 9.79 -16.02 24.45
N THR B 245 8.99 -15.08 24.93
CA THR B 245 7.56 -15.12 24.60
C THR B 245 6.96 -13.84 24.04
N ASP B 246 7.78 -12.81 23.83
CA ASP B 246 7.31 -11.61 23.13
C ASP B 246 7.36 -11.89 21.62
N THR B 247 6.79 -11.00 20.82
CA THR B 247 6.91 -11.05 19.37
C THR B 247 7.13 -9.62 18.89
N SER B 248 8.18 -9.32 18.13
CA SER B 248 9.14 -10.29 17.61
C SER B 248 10.18 -10.67 18.65
N ARG B 249 10.91 -11.75 18.38
CA ARG B 249 11.92 -12.24 19.30
C ARG B 249 12.98 -12.99 18.49
N PRO B 250 14.18 -13.13 19.05
CA PRO B 250 15.18 -13.97 18.37
C PRO B 250 14.91 -15.43 18.69
N ASN B 251 15.70 -16.33 18.10
CA ASN B 251 15.68 -17.72 18.53
C ASN B 251 15.93 -17.79 20.03
N ASP B 252 15.35 -18.77 20.71
CA ASP B 252 15.57 -18.92 22.14
C ASP B 252 17.05 -19.21 22.41
N PRO B 253 17.65 -18.50 23.37
CA PRO B 253 19.07 -18.73 23.71
C PRO B 253 19.21 -19.94 24.63
N THR B 254 20.43 -20.28 25.01
CA THR B 254 20.65 -21.39 25.92
C THR B 254 20.26 -21.01 27.34
N ASN B 255 20.33 -19.72 27.64
CA ASN B 255 20.00 -19.19 28.96
C ASN B 255 19.14 -17.93 28.85
N GLY B 256 18.08 -17.85 29.64
CA GLY B 256 17.28 -16.63 29.71
C GLY B 256 17.89 -15.62 30.68
N ASN B 257 17.16 -14.55 30.97
CA ASN B 257 17.65 -13.52 31.88
C ASN B 257 16.52 -12.99 32.75
N CYS B 258 16.63 -13.17 34.07
CA CYS B 258 15.61 -12.68 35.02
C CYS B 258 15.69 -11.17 35.28
N ASP B 259 16.86 -10.60 35.05
CA ASP B 259 17.15 -9.25 35.54
C ASP B 259 17.16 -8.18 34.45
N ALA B 260 17.30 -8.60 33.20
CA ALA B 260 17.55 -7.66 32.13
C ALA B 260 16.89 -8.11 30.83
N PRO B 261 16.57 -7.15 29.94
CA PRO B 261 15.96 -7.48 28.66
C PRO B 261 16.92 -8.22 27.74
N ILE B 262 16.42 -9.27 27.10
CA ILE B 262 17.14 -9.94 26.02
C ILE B 262 16.68 -9.32 24.70
N THR B 263 17.60 -8.64 24.02
CA THR B 263 17.26 -7.89 22.82
C THR B 263 17.27 -8.78 21.58
N GLY B 264 16.77 -8.27 20.46
CA GLY B 264 16.79 -9.03 19.22
C GLY B 264 15.39 -9.33 18.71
N GLY B 265 15.32 -9.93 17.53
CA GLY B 265 14.05 -10.15 16.87
C GLY B 265 13.75 -9.00 15.93
N SER B 266 12.94 -9.29 14.92
CA SER B 266 12.57 -8.31 13.91
C SER B 266 11.26 -8.81 13.28
N PRO B 267 10.38 -7.90 12.86
CA PRO B 267 10.50 -6.43 12.88
C PRO B 267 9.64 -5.75 13.94
N ASP B 268 8.86 -6.49 14.72
CA ASP B 268 7.91 -5.90 15.67
C ASP B 268 8.54 -5.75 17.05
N PRO B 269 8.29 -4.64 17.74
CA PRO B 269 8.85 -4.46 19.08
C PRO B 269 8.09 -5.18 20.21
N GLY B 270 6.87 -5.64 19.95
CA GLY B 270 6.14 -6.31 21.01
C GLY B 270 4.72 -6.69 20.69
N VAL B 271 4.15 -7.54 21.54
CA VAL B 271 2.74 -7.88 21.47
C VAL B 271 2.31 -8.15 22.91
N LYS B 272 1.06 -7.87 23.25
CA LYS B 272 0.56 -8.25 24.56
C LYS B 272 0.50 -9.78 24.66
N GLY B 273 0.91 -10.33 25.82
CA GLY B 273 0.86 -11.76 26.05
C GLY B 273 0.69 -12.06 27.53
N PHE B 274 0.96 -13.30 27.93
CA PHE B 274 0.69 -13.69 29.31
C PHE B 274 1.42 -14.97 29.67
N ALA B 275 1.39 -15.31 30.95
CA ALA B 275 1.85 -16.62 31.39
C ALA B 275 1.26 -16.87 32.75
N PHE B 276 1.10 -18.14 33.10
CA PHE B 276 0.77 -18.53 34.45
C PHE B 276 2.03 -19.10 35.09
N LEU B 277 2.44 -18.51 36.22
CA LEU B 277 3.70 -18.85 36.84
C LEU B 277 3.43 -19.38 38.25
N ASP B 278 3.62 -20.68 38.42
CA ASP B 278 3.30 -21.34 39.68
C ASP B 278 4.25 -22.52 39.86
N GLY B 279 5.55 -22.24 39.89
CA GLY B 279 6.54 -23.31 40.04
C GLY B 279 6.51 -24.32 38.91
N GLU B 280 6.37 -25.59 39.24
CA GLU B 280 6.31 -26.64 38.23
C GLU B 280 5.05 -26.49 37.37
N ASN B 281 4.01 -25.91 37.96
CA ASN B 281 2.74 -25.67 37.28
C ASN B 281 2.79 -24.35 36.51
N SER B 282 3.76 -24.20 35.62
CA SER B 282 3.93 -22.95 34.88
C SER B 282 3.69 -23.14 33.39
N TRP B 283 2.91 -22.23 32.80
CA TRP B 283 2.61 -22.29 31.39
C TRP B 283 2.85 -20.96 30.69
N LEU B 284 3.57 -21.00 29.58
CA LEU B 284 3.87 -19.80 28.81
C LEU B 284 3.13 -19.82 27.50
N GLY B 285 2.45 -18.73 27.16
CA GLY B 285 1.88 -18.61 25.83
C GLY B 285 2.80 -17.79 24.95
N ARG B 286 2.79 -18.07 23.64
CA ARG B 286 3.48 -17.20 22.69
C ARG B 286 3.00 -17.49 21.27
N THR B 287 3.26 -16.56 20.36
CA THR B 287 2.97 -16.82 18.95
C THR B 287 3.93 -17.88 18.48
N ILE B 288 3.52 -18.70 17.51
CA ILE B 288 4.41 -19.72 17.00
C ILE B 288 5.54 -19.08 16.20
N SER B 289 5.20 -18.14 15.32
CA SER B 289 6.24 -17.38 14.61
C SER B 289 7.01 -16.47 15.56
N LYS B 290 8.32 -16.42 15.39
CA LYS B 290 9.13 -15.51 16.20
C LYS B 290 9.15 -14.10 15.60
N ASP B 291 8.67 -13.96 14.37
CA ASP B 291 8.69 -12.67 13.70
C ASP B 291 7.33 -11.96 13.76
N SER B 292 6.27 -12.72 13.55
CA SER B 292 4.95 -12.17 13.29
C SER B 292 3.88 -12.74 14.21
N ARG B 293 2.75 -12.05 14.28
CA ARG B 293 1.62 -12.50 15.08
C ARG B 293 0.85 -13.62 14.37
N SER B 294 1.52 -14.76 14.19
CA SER B 294 0.87 -15.92 13.60
C SER B 294 1.08 -17.14 14.48
N GLY B 295 0.07 -18.00 14.54
CA GLY B 295 0.10 -19.17 15.40
C GLY B 295 -0.01 -18.80 16.86
N TYR B 296 -0.34 -19.79 17.68
CA TYR B 296 -0.28 -19.62 19.13
C TYR B 296 -0.07 -20.97 19.78
N GLU B 297 0.88 -21.03 20.71
CA GLU B 297 1.22 -22.28 21.39
C GLU B 297 1.27 -22.05 22.89
N MET B 298 0.83 -23.03 23.66
CA MET B 298 1.00 -23.02 25.09
C MET B 298 2.11 -24.01 25.43
N LEU B 299 3.07 -23.57 26.24
CA LEU B 299 4.23 -24.39 26.58
C LEU B 299 4.30 -24.56 28.08
N LYS B 300 4.34 -25.80 28.55
CA LYS B 300 4.50 -26.01 29.98
C LYS B 300 5.98 -25.97 30.31
N VAL B 301 6.39 -24.94 31.04
CA VAL B 301 7.80 -24.71 31.33
C VAL B 301 7.97 -24.63 32.84
N PRO B 302 8.27 -25.76 33.47
CA PRO B 302 8.37 -25.81 34.94
C PRO B 302 9.39 -24.79 35.44
N ASN B 303 9.01 -24.02 36.45
CA ASN B 303 9.91 -23.04 37.07
C ASN B 303 10.44 -21.98 36.12
N ALA B 304 9.64 -21.65 35.11
CA ALA B 304 9.95 -20.57 34.17
C ALA B 304 10.28 -19.26 34.87
N GLU B 305 9.69 -19.04 36.04
CA GLU B 305 9.86 -17.78 36.75
C GLU B 305 11.22 -17.67 37.46
N THR B 306 11.92 -18.80 37.61
CA THR B 306 13.21 -18.76 38.30
C THR B 306 14.37 -19.44 37.56
N ASP B 307 14.07 -20.44 36.74
CA ASP B 307 15.11 -21.23 36.08
C ASP B 307 15.43 -20.69 34.69
N THR B 308 16.63 -20.14 34.52
CA THR B 308 17.00 -19.51 33.25
C THR B 308 17.24 -20.53 32.14
N GLN B 309 17.32 -21.80 32.49
CA GLN B 309 17.49 -22.86 31.49
C GLN B 309 16.25 -23.71 31.32
N SER B 310 15.15 -23.30 31.94
CA SER B 310 13.90 -24.06 31.86
C SER B 310 13.38 -24.11 30.43
N GLY B 311 12.89 -25.28 30.03
CA GLY B 311 12.30 -25.47 28.71
C GLY B 311 10.99 -26.23 28.81
N PRO B 312 10.33 -26.43 27.68
CA PRO B 312 8.99 -27.05 27.68
C PRO B 312 9.04 -28.55 27.95
N ILE B 313 8.18 -29.04 28.83
CA ILE B 313 8.03 -30.49 29.01
C ILE B 313 6.78 -30.95 28.28
N SER B 314 5.90 -30.01 27.94
CA SER B 314 4.75 -30.35 27.12
C SER B 314 4.28 -29.12 26.36
N HIS B 315 3.44 -29.33 25.35
CA HIS B 315 2.95 -28.20 24.56
C HIS B 315 1.56 -28.46 24.02
N GLN B 316 0.86 -27.39 23.69
CA GLN B 316 -0.43 -27.51 23.01
C GLN B 316 -0.56 -26.37 22.03
N VAL B 317 -0.68 -26.69 20.75
CA VAL B 317 -0.93 -25.65 19.74
C VAL B 317 -2.39 -25.18 19.89
N ILE B 318 -2.58 -23.87 19.99
CA ILE B 318 -3.91 -23.28 20.15
C ILE B 318 -4.42 -22.78 18.79
N VAL B 319 -3.49 -22.21 18.02
CA VAL B 319 -3.76 -21.68 16.70
C VAL B 319 -2.59 -22.12 15.85
N ASN B 320 -2.82 -22.82 14.74
CA ASN B 320 -1.67 -23.29 13.95
C ASN B 320 -0.96 -22.12 13.28
N ASN B 321 0.29 -22.33 12.85
CA ASN B 321 1.11 -21.23 12.36
C ASN B 321 0.74 -20.76 10.95
N GLN B 322 -0.25 -21.40 10.35
CA GLN B 322 -0.75 -20.94 9.05
C GLN B 322 -1.87 -19.92 9.28
N ASN B 323 -2.15 -19.62 10.54
CA ASN B 323 -3.22 -18.69 10.88
C ASN B 323 -2.79 -17.52 11.74
N TRP B 324 -3.49 -16.40 11.59
CA TRP B 324 -3.13 -15.18 12.32
C TRP B 324 -3.58 -15.26 13.78
N SER B 325 -2.74 -14.77 14.67
CA SER B 325 -3.16 -14.64 16.06
C SER B 325 -3.16 -13.16 16.42
N GLY B 326 -2.57 -12.80 17.56
CA GLY B 326 -2.66 -11.44 18.04
C GLY B 326 -2.38 -11.36 19.53
N TYR B 327 -3.05 -10.42 20.21
CA TYR B 327 -2.90 -10.28 21.65
C TYR B 327 -3.37 -11.55 22.36
N SER B 328 -2.82 -11.79 23.55
CA SER B 328 -3.33 -12.85 24.40
C SER B 328 -3.27 -12.37 25.84
N GLY B 329 -4.12 -12.90 26.70
CA GLY B 329 -4.17 -12.40 28.06
C GLY B 329 -4.80 -13.38 29.00
N ALA B 330 -4.65 -13.12 30.29
CA ALA B 330 -5.14 -14.03 31.33
C ALA B 330 -6.45 -13.54 31.93
N PHE B 331 -7.30 -14.49 32.33
CA PHE B 331 -8.44 -14.20 33.19
C PHE B 331 -8.76 -15.45 33.99
N ILE B 332 -9.51 -15.28 35.08
CA ILE B 332 -9.93 -16.43 35.89
C ILE B 332 -11.36 -16.24 36.36
N ASP B 333 -12.18 -17.29 36.29
CA ASP B 333 -13.48 -17.22 36.92
C ASP B 333 -13.30 -17.41 38.43
N TYR B 334 -13.06 -16.31 39.14
CA TYR B 334 -12.78 -16.38 40.57
C TYR B 334 -14.00 -16.85 41.38
N TRP B 335 -15.16 -16.88 40.73
CA TRP B 335 -16.39 -17.26 41.41
C TRP B 335 -16.87 -18.66 41.04
N ALA B 336 -16.02 -19.45 40.41
CA ALA B 336 -16.37 -20.82 40.04
C ALA B 336 -16.55 -21.68 41.29
N ASN B 337 -17.35 -22.73 41.17
CA ASN B 337 -17.56 -23.65 42.28
C ASN B 337 -16.42 -24.68 42.29
N LYS B 338 -15.23 -24.22 42.61
CA LYS B 338 -14.03 -25.04 42.64
C LYS B 338 -13.17 -24.71 43.84
N GLU B 339 -12.35 -25.66 44.26
CA GLU B 339 -11.48 -25.42 45.42
C GLU B 339 -10.20 -24.68 45.03
N CYS B 340 -9.98 -24.51 43.73
CA CYS B 340 -8.82 -23.78 43.23
C CYS B 340 -9.27 -22.79 42.16
N PHE B 341 -8.44 -21.78 41.92
CA PHE B 341 -8.67 -20.82 40.83
C PHE B 341 -8.08 -21.39 39.55
N ASN B 342 -8.92 -21.63 38.54
CA ASN B 342 -8.45 -22.25 37.31
C ASN B 342 -8.03 -21.25 36.24
N PRO B 343 -6.75 -21.31 35.83
CA PRO B 343 -6.23 -20.45 34.76
C PRO B 343 -7.09 -20.51 33.49
N CYS B 344 -7.41 -19.34 32.93
CA CYS B 344 -7.99 -19.23 31.61
C CYS B 344 -7.18 -18.21 30.82
N PHE B 345 -7.26 -18.29 29.49
CA PHE B 345 -6.66 -17.27 28.66
C PHE B 345 -7.45 -17.10 27.37
N TYR B 346 -7.20 -16.02 26.66
CA TYR B 346 -7.84 -15.82 25.37
C TYR B 346 -6.75 -15.51 24.37
N VAL B 347 -7.04 -15.72 23.10
CA VAL B 347 -6.19 -15.27 22.02
C VAL B 347 -7.03 -14.40 21.11
N GLU B 348 -6.51 -13.22 20.80
CA GLU B 348 -7.12 -12.32 19.82
C GLU B 348 -6.69 -12.80 18.45
N LEU B 349 -7.67 -13.04 17.57
CA LEU B 349 -7.37 -13.52 16.23
C LEU B 349 -7.55 -12.36 15.26
N ILE B 350 -6.45 -11.67 14.96
CA ILE B 350 -6.54 -10.43 14.19
C ILE B 350 -6.66 -10.75 12.70
N ARG B 351 -7.62 -10.12 12.03
CA ARG B 351 -7.75 -10.26 10.58
C ARG B 351 -7.67 -8.88 9.95
N GLY B 352 -7.21 -8.81 8.71
CA GLY B 352 -7.11 -7.54 8.02
C GLY B 352 -5.72 -6.93 8.15
N ARG B 353 -5.66 -5.60 8.17
CA ARG B 353 -4.37 -4.91 8.12
C ARG B 353 -3.59 -5.03 9.42
N PRO B 354 -2.24 -5.01 9.34
CA PRO B 354 -1.45 -4.77 8.13
C PRO B 354 -1.12 -6.02 7.31
N LYS B 355 -1.28 -7.21 7.89
CA LYS B 355 -0.85 -8.42 7.20
C LYS B 355 -1.72 -8.77 6.00
N GLU B 356 -3.03 -8.54 6.14
CA GLU B 356 -3.96 -8.79 5.04
C GLU B 356 -4.43 -7.44 4.51
N SER B 357 -3.59 -6.83 3.68
CA SER B 357 -3.75 -5.43 3.30
C SER B 357 -4.62 -5.29 2.05
N SER B 358 -5.18 -6.42 1.61
CA SER B 358 -6.11 -6.45 0.49
C SER B 358 -7.52 -6.03 0.92
N VAL B 359 -7.75 -5.96 2.22
CA VAL B 359 -8.96 -5.32 2.75
C VAL B 359 -8.56 -4.01 3.43
N LEU B 360 -9.53 -3.14 3.69
CA LEU B 360 -9.24 -1.80 4.20
C LEU B 360 -9.28 -1.73 5.72
N TRP B 361 -9.73 -2.81 6.35
CA TRP B 361 -10.04 -2.80 7.78
C TRP B 361 -9.10 -3.68 8.60
N THR B 362 -9.18 -3.50 9.92
CA THR B 362 -8.53 -4.39 10.88
C THR B 362 -9.56 -4.72 11.97
N SER B 363 -9.72 -6.00 12.26
CA SER B 363 -10.62 -6.41 13.33
C SER B 363 -10.12 -7.72 13.91
N ASN B 364 -10.93 -8.37 14.74
CA ASN B 364 -10.50 -9.64 15.32
C ASN B 364 -11.70 -10.49 15.69
N SER B 365 -11.44 -11.76 15.96
CA SER B 365 -12.40 -12.58 16.71
C SER B 365 -11.67 -13.08 17.96
N ILE B 366 -12.38 -13.85 18.78
CA ILE B 366 -11.84 -14.29 20.07
C ILE B 366 -11.92 -15.81 20.21
N VAL B 367 -10.90 -16.41 20.80
CA VAL B 367 -11.02 -17.76 21.33
C VAL B 367 -10.51 -17.74 22.78
N ALA B 368 -11.16 -18.49 23.66
CA ALA B 368 -10.75 -18.54 25.06
C ALA B 368 -10.73 -19.99 25.52
N LEU B 369 -9.74 -20.32 26.35
CA LEU B 369 -9.61 -21.70 26.86
C LEU B 369 -9.31 -21.67 28.36
N CYS B 370 -9.61 -22.76 29.07
CA CYS B 370 -9.28 -22.86 30.50
C CYS B 370 -8.49 -24.13 30.78
N GLY B 371 -7.82 -24.19 31.93
CA GLY B 371 -7.01 -25.34 32.26
C GLY B 371 -7.83 -26.59 32.51
N SER B 372 -7.20 -27.74 32.30
CA SER B 372 -7.78 -29.03 32.68
C SER B 372 -6.67 -29.87 33.29
N LYS B 373 -7.01 -30.67 34.30
CA LYS B 373 -6.06 -31.64 34.85
C LYS B 373 -5.95 -32.86 33.94
N GLU B 374 -6.91 -33.02 33.03
CA GLU B 374 -6.86 -34.15 32.10
C GLU B 374 -5.90 -33.84 30.97
N ARG B 375 -5.48 -34.88 30.26
CA ARG B 375 -4.70 -34.69 29.05
C ARG B 375 -5.66 -34.72 27.85
N LEU B 376 -6.08 -33.55 27.41
CA LEU B 376 -7.09 -33.44 26.36
C LEU B 376 -6.44 -33.27 24.99
N GLY B 377 -7.02 -33.89 23.97
CA GLY B 377 -6.56 -33.65 22.61
C GLY B 377 -6.77 -32.20 22.23
N SER B 378 -6.12 -31.76 21.17
CA SER B 378 -6.22 -30.37 20.79
C SER B 378 -6.35 -30.22 19.27
N TRP B 379 -6.96 -29.12 18.83
CA TRP B 379 -6.83 -28.71 17.44
C TRP B 379 -6.76 -27.19 17.36
N SER B 380 -6.56 -26.68 16.14
CA SER B 380 -6.37 -25.25 15.96
C SER B 380 -7.70 -24.53 16.04
N TRP B 381 -7.75 -23.47 16.83
CA TRP B 381 -8.95 -22.65 17.01
C TRP B 381 -8.79 -21.31 16.29
N HIS B 382 -8.44 -21.38 15.02
CA HIS B 382 -8.21 -20.16 14.23
C HIS B 382 -9.49 -19.41 13.94
N ASP B 383 -9.35 -18.18 13.44
CA ASP B 383 -10.49 -17.32 13.18
C ASP B 383 -11.54 -18.00 12.28
N GLY B 384 -11.10 -18.53 11.15
CA GLY B 384 -11.97 -19.31 10.29
C GLY B 384 -12.67 -18.56 9.17
N ALA B 385 -12.44 -17.26 9.09
CA ALA B 385 -13.01 -16.50 7.98
C ALA B 385 -12.12 -16.58 6.74
N GLU B 386 -12.75 -16.49 5.58
CA GLU B 386 -12.03 -16.43 4.31
C GLU B 386 -11.96 -14.98 3.90
N ILE B 387 -10.74 -14.43 3.87
CA ILE B 387 -10.55 -13.02 3.53
C ILE B 387 -11.09 -12.69 2.13
N ILE B 388 -11.06 -13.67 1.23
CA ILE B 388 -11.56 -13.47 -0.14
C ILE B 388 -13.05 -13.10 -0.15
N TYR B 389 -13.81 -13.67 0.79
CA TYR B 389 -15.22 -13.35 0.89
C TYR B 389 -15.47 -11.86 1.18
N PHE B 390 -14.46 -11.20 1.75
CA PHE B 390 -14.56 -9.76 2.07
C PHE B 390 -14.07 -8.88 0.94
N LYS B 391 -13.68 -9.51 -0.17
CA LYS B 391 -13.15 -8.77 -1.30
C LYS B 391 -13.98 -9.01 -2.54
#